data_6HI2
#
_entry.id   6HI2
#
_cell.length_a   141.740
_cell.length_b   64.490
_cell.length_c   116.400
_cell.angle_alpha   90.00
_cell.angle_beta   103.17
_cell.angle_gamma   90.00
#
_symmetry.space_group_name_H-M   'C 1 2 1'
#
loop_
_entity.id
_entity.type
_entity.pdbx_description
1 polymer 'Phosphatidylinositol 4,5-bisphosphate 3-kinase catalytic subunit delta isoform'
2 non-polymer 3-[6-[(1~{S},6~{R})-3-oxabicyclo[4.1.0]heptan-6-yl]pyridin-2-yl]phenol
3 water water
#
_entity_poly.entity_id   1
_entity_poly.type   'polypeptide(L)'
_entity_poly.pdbx_seq_one_letter_code
;GGDRVKKLINSQISLLIGKGLHEFDSLRDPEVNDFRTKMRQFCEEAAAHRQQLGWVEWLQYSFPLQLEPSARGWRAGLLR
VSNRALLVNVKFEGSEESFTFQVSTKDMPLALMACALRKKATVFRQPLVEQPEEYALQVNGRHEYLYGNYPLCHFQYICS
CLHSGLTPHLTMVHSSSILAMRDEQSNPAPQVQKPRAKPPPIPAKKPSSVSLWSLEQPFSIELIEGRKVNADERMKLVVQ
AGLFHGNEMLCKTVSSSEVNVCSEPVWKQRLEFDISVCDLPRMARLCFALYAVVEKAKKARSTKKKSKKADCPIAWANLM
LFDYKDQLKTGERCLYMWPSVPDEKGELLNPAGTVRGNPNTESAAALVIYLPEVAPHPVYFPALEKILELGRHGERGRIT
EEEQLQLREILERRGSGELYEHEKDLVWKMRHEVQEHFPEALARLLLVTKWNKHEDVAQMLYLLCSWPELPVLSALELLD
FSFPDCYVGSFAIKSLRKLTDDELFQYLLQLVQVLKYESYLDCELTKFLLGRALANRKIGHFLFWHLRSEMHVPSVALRF
GLIMEAYCRGSTHHMKVLMKQGEALSKLKALNDFVKVSSQKTTKPQTKEMMHMCMRQETYMEALSHLQSPLDPSTLLEEV
CVEQCTFMDSKMKPLWIMYSSEEAGSAGNVGIIFKNGDDLRQDMLTLQMIQLMDVLWKQEGLDLRMTPYGCLPTGDRTGL
IEVVLHSDTIANIQLNKSNMAATAAFNKDALLNWLKSKNPGEALDRAIEEFTLSCAGYCVATYVLGIGDRHSDNIMIRES
GQLFHIDFGHFLGNFKTKFGINRERVPFILTYDFVHVIQQGKTNNSEKFERFRGYCERAYTILRRHGLLFLHLFALMRAA
GLPELSCSKDIQYLKDSLALGKTEEEALKHFRVKFNEALRESWKTKVNWLAHNVSKDNRQ
;
_entity_poly.pdbx_strand_id   A
#
# COMPACT_ATOMS: atom_id res chain seq x y z
N ASP A 3 -16.39 -12.83 31.00
CA ASP A 3 -15.60 -13.98 31.48
C ASP A 3 -14.10 -13.67 31.58
N ARG A 4 -13.32 -14.62 32.11
CA ARG A 4 -11.85 -14.49 32.25
C ARG A 4 -11.17 -14.56 30.86
N VAL A 5 -11.85 -15.19 29.88
CA VAL A 5 -11.35 -15.32 28.51
C VAL A 5 -11.43 -13.98 27.78
N LYS A 6 -12.51 -13.20 28.06
CA LYS A 6 -12.72 -11.86 27.47
C LYS A 6 -11.64 -10.90 27.98
N LYS A 7 -11.33 -10.98 29.28
CA LYS A 7 -10.30 -10.14 29.93
C LYS A 7 -8.94 -10.46 29.34
N LEU A 8 -8.65 -11.77 29.10
CA LEU A 8 -7.39 -12.20 28.52
C LEU A 8 -7.27 -11.71 27.06
N ILE A 9 -8.34 -11.87 26.25
CA ILE A 9 -8.33 -11.39 24.86
C ILE A 9 -8.11 -9.85 24.84
N ASN A 10 -8.76 -9.09 25.76
CA ASN A 10 -8.57 -7.63 25.86
C ASN A 10 -7.10 -7.28 26.14
N SER A 11 -6.45 -8.01 27.05
CA SER A 11 -5.03 -7.77 27.35
C SER A 11 -4.15 -8.14 26.13
N GLN A 12 -4.50 -9.22 25.41
CA GLN A 12 -3.73 -9.65 24.24
C GLN A 12 -3.87 -8.61 23.09
N ILE A 13 -5.09 -8.08 22.87
CA ILE A 13 -5.29 -7.02 21.84
C ILE A 13 -4.43 -5.80 22.22
N SER A 14 -4.52 -5.34 23.49
CA SER A 14 -3.77 -4.18 23.98
C SER A 14 -2.27 -4.34 23.66
N LEU A 15 -1.71 -5.50 23.98
CA LEU A 15 -0.30 -5.80 23.70
C LEU A 15 -0.01 -5.81 22.21
N LEU A 16 -0.89 -6.42 21.40
CA LEU A 16 -0.66 -6.56 19.97
C LEU A 16 -0.66 -5.21 19.22
N ILE A 17 -1.64 -4.36 19.52
CA ILE A 17 -1.86 -3.12 18.78
C ILE A 17 -0.94 -2.01 19.29
N GLY A 18 -0.35 -2.20 20.47
CA GLY A 18 0.57 -1.27 21.11
C GLY A 18 -0.12 -0.14 21.84
N LYS A 19 -1.41 -0.31 22.19
CA LYS A 19 -2.19 0.70 22.90
C LYS A 19 -3.20 -0.02 23.79
N GLY A 20 -3.21 0.30 25.08
CA GLY A 20 -4.13 -0.27 26.05
C GLY A 20 -5.57 0.07 25.69
N LEU A 21 -6.49 -0.92 25.65
CA LEU A 21 -7.91 -0.66 25.31
C LEU A 21 -8.59 0.30 26.30
N HIS A 22 -8.11 0.32 27.57
CA HIS A 22 -8.61 1.23 28.64
C HIS A 22 -8.50 2.71 28.21
N GLU A 23 -7.50 3.00 27.34
CA GLU A 23 -7.23 4.31 26.78
C GLU A 23 -8.38 4.78 25.90
N PHE A 24 -9.02 3.84 25.17
CA PHE A 24 -10.21 4.18 24.37
C PHE A 24 -11.35 4.61 25.31
N ASP A 25 -11.64 3.79 26.35
CA ASP A 25 -12.69 4.09 27.35
C ASP A 25 -12.51 5.43 28.05
N SER A 26 -11.25 5.81 28.36
CA SER A 26 -10.89 7.04 29.07
C SER A 26 -11.21 8.34 28.31
N LEU A 27 -11.31 8.27 26.96
CA LEU A 27 -11.64 9.44 26.14
C LEU A 27 -13.08 9.89 26.37
N ARG A 28 -13.95 8.97 26.83
CA ARG A 28 -15.38 9.21 27.07
C ARG A 28 -15.95 9.92 25.83
N ASP A 29 -15.60 9.38 24.65
CA ASP A 29 -16.00 9.93 23.36
C ASP A 29 -17.10 9.02 22.77
N PRO A 30 -18.33 9.56 22.57
CA PRO A 30 -19.42 8.74 22.01
C PRO A 30 -19.14 8.21 20.61
N GLU A 31 -18.41 8.97 19.78
CA GLU A 31 -18.03 8.53 18.43
C GLU A 31 -17.10 7.30 18.50
N VAL A 32 -16.18 7.32 19.46
CA VAL A 32 -15.25 6.19 19.69
C VAL A 32 -16.05 4.97 20.16
N ASN A 33 -16.98 5.17 21.13
CA ASN A 33 -17.83 4.13 21.71
C ASN A 33 -18.72 3.45 20.70
N ASP A 34 -19.38 4.22 19.83
CA ASP A 34 -20.26 3.72 18.76
C ASP A 34 -19.46 2.99 17.71
N PHE A 35 -18.27 3.52 17.36
CA PHE A 35 -17.41 2.83 16.40
C PHE A 35 -17.08 1.46 16.96
N ARG A 36 -16.59 1.40 18.21
CA ARG A 36 -16.17 0.14 18.86
C ARG A 36 -17.27 -0.90 18.91
N THR A 37 -18.48 -0.51 19.33
CA THR A 37 -19.66 -1.37 19.42
C THR A 37 -20.12 -1.89 18.03
N LYS A 38 -20.35 -0.98 17.06
CA LYS A 38 -20.82 -1.36 15.73
C LYS A 38 -19.80 -2.23 15.00
N MET A 39 -18.50 -1.85 15.07
CA MET A 39 -17.47 -2.61 14.34
C MET A 39 -17.19 -3.95 15.00
N ARG A 40 -17.37 -4.05 16.32
CA ARG A 40 -17.22 -5.33 17.02
C ARG A 40 -18.28 -6.30 16.52
N GLN A 41 -19.55 -5.84 16.42
CA GLN A 41 -20.70 -6.61 15.94
C GLN A 41 -20.49 -7.03 14.49
N PHE A 42 -20.06 -6.08 13.64
CA PHE A 42 -19.79 -6.36 12.23
C PHE A 42 -18.71 -7.45 12.09
N CYS A 43 -17.62 -7.35 12.88
CA CYS A 43 -16.50 -8.30 12.76
C CYS A 43 -16.80 -9.68 13.37
N GLU A 44 -17.61 -9.71 14.43
CA GLU A 44 -18.04 -10.97 15.05
C GLU A 44 -19.01 -11.74 14.14
N GLU A 45 -19.85 -11.02 13.36
CA GLU A 45 -20.75 -11.61 12.36
C GLU A 45 -19.94 -12.27 11.22
N ALA A 46 -18.84 -11.59 10.77
CA ALA A 46 -17.93 -12.12 9.75
C ALA A 46 -17.25 -13.37 10.28
N ALA A 47 -16.84 -13.37 11.58
CA ALA A 47 -16.23 -14.56 12.19
C ALA A 47 -17.24 -15.75 12.27
N ALA A 48 -18.55 -15.49 12.60
CA ALA A 48 -19.56 -16.55 12.67
C ALA A 48 -19.77 -17.20 11.29
N HIS A 49 -19.77 -16.38 10.22
CA HIS A 49 -19.86 -16.80 8.82
C HIS A 49 -18.66 -17.68 8.42
N ARG A 50 -17.44 -17.29 8.86
CA ARG A 50 -16.22 -18.01 8.52
C ARG A 50 -16.14 -19.41 9.15
N GLN A 51 -16.61 -19.55 10.39
CA GLN A 51 -16.50 -20.81 11.11
C GLN A 51 -17.38 -21.93 10.55
N GLN A 52 -18.36 -21.58 9.73
CA GLN A 52 -19.24 -22.55 9.09
C GLN A 52 -18.97 -22.69 7.58
N LEU A 53 -17.89 -22.07 7.05
CA LEU A 53 -17.53 -22.17 5.63
C LEU A 53 -17.32 -23.62 5.25
N GLY A 54 -17.61 -23.95 4.01
CA GLY A 54 -17.30 -25.28 3.48
C GLY A 54 -15.79 -25.41 3.44
N TRP A 55 -15.24 -26.64 3.43
CA TRP A 55 -13.79 -26.82 3.46
C TRP A 55 -13.05 -26.16 2.27
N VAL A 56 -13.63 -26.12 1.06
CA VAL A 56 -12.96 -25.44 -0.05
C VAL A 56 -13.00 -23.89 0.17
N GLU A 57 -14.11 -23.38 0.72
CA GLU A 57 -14.23 -21.94 0.99
C GLU A 57 -13.28 -21.55 2.08
N TRP A 58 -13.05 -22.46 3.01
CA TRP A 58 -12.11 -22.17 4.08
C TRP A 58 -10.65 -22.12 3.52
N LEU A 59 -10.29 -22.97 2.52
CA LEU A 59 -9.01 -22.91 1.80
C LEU A 59 -8.93 -21.53 1.09
N GLN A 60 -10.05 -21.04 0.50
CA GLN A 60 -10.09 -19.75 -0.21
C GLN A 60 -9.86 -18.62 0.76
N TYR A 61 -10.31 -18.78 2.01
CA TYR A 61 -10.12 -17.79 3.07
C TYR A 61 -8.66 -17.77 3.58
N SER A 62 -8.15 -18.94 3.98
CA SER A 62 -6.86 -19.03 4.64
C SER A 62 -5.66 -19.08 3.71
N PHE A 63 -5.84 -19.68 2.54
CA PHE A 63 -4.80 -19.95 1.56
C PHE A 63 -5.30 -19.48 0.18
N PRO A 64 -5.61 -18.17 -0.01
CA PRO A 64 -6.10 -17.71 -1.32
C PRO A 64 -5.09 -18.03 -2.42
N LEU A 65 -5.58 -18.47 -3.57
CA LEU A 65 -4.72 -18.88 -4.67
C LEU A 65 -3.71 -17.84 -5.14
N GLN A 66 -2.48 -18.25 -5.38
CA GLN A 66 -1.44 -17.34 -5.90
C GLN A 66 -1.22 -17.72 -7.33
N LEU A 67 -1.90 -17.01 -8.21
CA LEU A 67 -1.88 -17.28 -9.65
C LEU A 67 -1.02 -16.29 -10.43
N GLU A 68 -0.53 -16.73 -11.59
CA GLU A 68 0.25 -15.91 -12.49
C GLU A 68 -0.64 -14.81 -13.09
N PRO A 69 -0.18 -13.53 -13.24
CA PRO A 69 -1.05 -12.46 -13.79
C PRO A 69 -1.75 -12.78 -15.11
N SER A 70 -1.12 -13.61 -15.96
CA SER A 70 -1.71 -14.05 -17.25
C SER A 70 -2.99 -14.91 -17.05
N ALA A 71 -2.98 -15.79 -16.02
CA ALA A 71 -4.07 -16.71 -15.67
C ALA A 71 -5.37 -16.03 -15.26
N ARG A 72 -5.25 -14.98 -14.42
CA ARG A 72 -6.33 -14.20 -13.81
C ARG A 72 -7.38 -13.68 -14.80
N GLY A 73 -8.62 -13.63 -14.33
CA GLY A 73 -9.77 -13.17 -15.11
C GLY A 73 -10.20 -14.14 -16.20
N ASN A 83 1.67 -29.87 -23.39
CA ASN A 83 2.57 -28.82 -23.83
C ASN A 83 4.02 -29.09 -23.38
N ARG A 84 4.29 -29.05 -22.06
CA ARG A 84 5.64 -29.31 -21.50
C ARG A 84 5.61 -30.34 -20.39
N ALA A 85 6.66 -31.18 -20.31
CA ALA A 85 6.77 -32.21 -19.28
C ALA A 85 7.19 -31.59 -17.95
N LEU A 86 6.58 -32.05 -16.86
CA LEU A 86 6.85 -31.56 -15.51
C LEU A 86 6.92 -32.70 -14.49
N LEU A 87 8.02 -32.76 -13.76
CA LEU A 87 8.21 -33.74 -12.69
C LEU A 87 7.69 -33.14 -11.40
N VAL A 88 6.87 -33.89 -10.63
CA VAL A 88 6.29 -33.41 -9.36
C VAL A 88 6.47 -34.48 -8.29
N ASN A 89 6.86 -34.08 -7.08
CA ASN A 89 6.98 -35.03 -5.98
C ASN A 89 5.75 -34.86 -5.10
N VAL A 90 5.02 -35.95 -4.83
CA VAL A 90 3.80 -35.89 -4.03
C VAL A 90 3.84 -36.92 -2.90
N LYS A 91 3.53 -36.46 -1.70
CA LYS A 91 3.41 -37.31 -0.53
C LYS A 91 2.05 -37.08 0.09
N PHE A 92 1.66 -37.95 1.01
CA PHE A 92 0.40 -37.80 1.73
C PHE A 92 0.75 -37.28 3.09
N GLU A 93 -0.17 -36.52 3.72
CA GLU A 93 0.04 -35.90 5.04
C GLU A 93 0.45 -36.91 6.12
N GLY A 94 1.54 -36.61 6.81
CA GLY A 94 2.05 -37.44 7.90
C GLY A 94 2.74 -38.73 7.46
N SER A 95 3.15 -38.79 6.19
CA SER A 95 3.86 -39.93 5.61
C SER A 95 5.14 -39.44 4.98
N GLU A 96 6.26 -40.03 5.38
CA GLU A 96 7.61 -39.71 4.88
C GLU A 96 7.76 -40.16 3.42
N GLU A 97 7.05 -41.26 3.04
CA GLU A 97 7.06 -41.81 1.69
C GLU A 97 6.49 -40.81 0.69
N SER A 98 7.12 -40.72 -0.49
CA SER A 98 6.68 -39.85 -1.56
C SER A 98 6.81 -40.52 -2.93
N PHE A 99 6.03 -40.03 -3.89
CA PHE A 99 5.98 -40.52 -5.26
C PHE A 99 6.41 -39.40 -6.20
N THR A 100 7.34 -39.68 -7.11
CA THR A 100 7.75 -38.69 -8.10
C THR A 100 7.15 -39.08 -9.43
N PHE A 101 6.33 -38.21 -10.02
CA PHE A 101 5.73 -38.56 -11.30
C PHE A 101 5.73 -37.43 -12.32
N GLN A 102 5.59 -37.82 -13.59
CA GLN A 102 5.59 -36.90 -14.71
C GLN A 102 4.17 -36.53 -15.08
N VAL A 103 3.92 -35.23 -15.10
CA VAL A 103 2.64 -34.64 -15.49
C VAL A 103 2.95 -33.56 -16.55
N SER A 104 1.91 -32.94 -17.09
CA SER A 104 2.09 -31.84 -18.03
C SER A 104 1.84 -30.52 -17.29
N THR A 105 2.44 -29.44 -17.78
CA THR A 105 2.23 -28.07 -17.27
C THR A 105 0.76 -27.68 -17.50
N LYS A 106 0.08 -28.31 -18.48
CA LYS A 106 -1.31 -28.05 -18.84
C LYS A 106 -2.31 -28.83 -17.96
N ASP A 107 -1.85 -29.86 -17.23
CA ASP A 107 -2.71 -30.68 -16.36
C ASP A 107 -3.22 -29.86 -15.20
N MET A 108 -4.40 -30.20 -14.70
CA MET A 108 -4.99 -29.48 -13.57
C MET A 108 -4.65 -30.21 -12.25
N PRO A 109 -4.74 -29.55 -11.06
CA PRO A 109 -4.41 -30.27 -9.80
C PRO A 109 -5.19 -31.57 -9.61
N LEU A 110 -6.45 -31.65 -10.08
CA LEU A 110 -7.27 -32.86 -9.93
C LEU A 110 -6.66 -34.10 -10.57
N ALA A 111 -6.02 -33.93 -11.74
CA ALA A 111 -5.39 -35.05 -12.47
C ALA A 111 -4.14 -35.51 -11.74
N LEU A 112 -3.42 -34.56 -11.11
CA LEU A 112 -2.22 -34.83 -10.33
C LEU A 112 -2.64 -35.64 -9.10
N MET A 113 -3.71 -35.20 -8.44
CA MET A 113 -4.27 -35.84 -7.23
C MET A 113 -4.80 -37.25 -7.53
N ALA A 114 -5.52 -37.42 -8.65
CA ALA A 114 -6.04 -38.74 -9.09
C ALA A 114 -4.88 -39.73 -9.29
N CYS A 115 -3.76 -39.22 -9.84
CA CYS A 115 -2.55 -39.96 -10.09
C CYS A 115 -1.91 -40.40 -8.75
N ALA A 116 -1.82 -39.48 -7.76
CA ALA A 116 -1.29 -39.77 -6.42
C ALA A 116 -2.17 -40.80 -5.68
N LEU A 117 -3.52 -40.72 -5.86
CA LEU A 117 -4.45 -41.66 -5.23
C LEU A 117 -4.35 -43.07 -5.84
N ARG A 118 -4.18 -43.16 -7.18
CA ARG A 118 -4.04 -44.46 -7.85
C ARG A 118 -2.76 -45.10 -7.36
N LYS A 119 -1.68 -44.30 -7.22
CA LYS A 119 -0.37 -44.77 -6.72
C LYS A 119 -0.49 -45.27 -5.26
N LYS A 120 -1.15 -44.49 -4.38
CA LYS A 120 -1.36 -44.86 -2.97
C LYS A 120 -2.13 -46.19 -2.86
N ALA A 121 -3.21 -46.35 -3.65
CA ALA A 121 -4.04 -47.57 -3.69
C ALA A 121 -3.23 -48.79 -4.07
N THR A 122 -2.28 -48.67 -5.03
CA THR A 122 -1.46 -49.82 -5.47
C THR A 122 -0.42 -50.18 -4.40
N VAL A 123 0.22 -49.16 -3.82
CA VAL A 123 1.24 -49.30 -2.78
C VAL A 123 0.63 -49.84 -1.45
N PHE A 124 -0.61 -49.42 -1.12
CA PHE A 124 -1.31 -49.84 0.11
C PHE A 124 -2.24 -51.05 -0.12
N ARG A 125 -2.22 -51.61 -1.35
CA ARG A 125 -2.94 -52.81 -1.79
C ARG A 125 -4.46 -52.75 -1.59
N GLN A 126 -5.02 -51.54 -1.41
CA GLN A 126 -6.45 -51.36 -1.15
C GLN A 126 -7.19 -50.70 -2.30
N PRO A 127 -8.40 -51.18 -2.69
CA PRO A 127 -9.19 -50.43 -3.70
C PRO A 127 -9.70 -49.18 -2.95
N LEU A 128 -8.99 -48.06 -3.16
CA LEU A 128 -9.15 -46.79 -2.44
C LEU A 128 -10.58 -46.25 -2.33
N VAL A 129 -10.89 -45.73 -1.12
CA VAL A 129 -12.16 -45.13 -0.69
C VAL A 129 -12.21 -43.66 -1.13
N GLU A 130 -11.02 -43.04 -1.24
CA GLU A 130 -10.85 -41.62 -1.55
C GLU A 130 -10.91 -41.24 -3.02
N GLN A 131 -11.65 -40.14 -3.29
CA GLN A 131 -11.87 -39.48 -4.57
C GLN A 131 -10.92 -38.27 -4.60
N PRO A 132 -10.36 -37.85 -5.78
CA PRO A 132 -9.45 -36.68 -5.78
C PRO A 132 -10.12 -35.37 -5.35
N GLU A 133 -11.46 -35.29 -5.43
CA GLU A 133 -12.28 -34.14 -5.02
C GLU A 133 -12.26 -33.88 -3.49
N GLU A 134 -11.83 -34.86 -2.69
CA GLU A 134 -11.78 -34.70 -1.23
C GLU A 134 -10.44 -34.12 -0.73
N TYR A 135 -9.52 -33.78 -1.65
CA TYR A 135 -8.17 -33.30 -1.34
C TYR A 135 -7.78 -31.97 -1.95
N ALA A 136 -6.75 -31.36 -1.37
CA ALA A 136 -6.08 -30.19 -1.89
C ALA A 136 -4.56 -30.47 -1.76
N LEU A 137 -3.76 -29.82 -2.59
CA LEU A 137 -2.31 -29.99 -2.57
C LEU A 137 -1.61 -28.86 -1.84
N GLN A 138 -1.03 -29.12 -0.67
CA GLN A 138 -0.25 -28.08 0.01
C GLN A 138 1.15 -28.03 -0.60
N VAL A 139 1.74 -26.82 -0.71
CA VAL A 139 3.13 -26.66 -1.12
C VAL A 139 3.91 -27.04 0.17
N ASN A 140 4.83 -28.04 0.10
CA ASN A 140 5.56 -28.51 1.30
C ASN A 140 6.14 -27.39 2.15
N GLY A 141 5.84 -27.45 3.45
CA GLY A 141 6.32 -26.49 4.45
C GLY A 141 5.93 -25.04 4.26
N ARG A 142 4.85 -24.78 3.47
CA ARG A 142 4.39 -23.40 3.22
C ARG A 142 2.89 -23.34 3.49
N HIS A 143 2.37 -22.15 3.85
CA HIS A 143 0.92 -21.93 3.96
C HIS A 143 0.41 -21.51 2.59
N GLU A 144 0.50 -22.45 1.63
CA GLU A 144 0.13 -22.22 0.25
C GLU A 144 -0.39 -23.55 -0.28
N TYR A 145 -1.48 -23.50 -1.04
CA TYR A 145 -2.14 -24.67 -1.60
C TYR A 145 -2.44 -24.51 -3.08
N LEU A 146 -2.47 -25.63 -3.81
CA LEU A 146 -2.85 -25.65 -5.21
C LEU A 146 -4.17 -26.40 -5.28
N TYR A 147 -5.16 -25.77 -5.89
CA TYR A 147 -6.50 -26.34 -6.01
C TYR A 147 -7.23 -25.50 -7.08
N GLY A 148 -8.41 -25.96 -7.48
CA GLY A 148 -9.23 -25.27 -8.47
C GLY A 148 -8.93 -25.72 -9.89
N ASN A 149 -9.79 -25.28 -10.82
CA ASN A 149 -9.70 -25.60 -12.24
C ASN A 149 -8.75 -24.65 -12.98
N TYR A 150 -7.48 -24.77 -12.69
CA TYR A 150 -6.43 -24.00 -13.33
C TYR A 150 -5.33 -24.95 -13.75
N PRO A 151 -4.70 -24.79 -14.94
CA PRO A 151 -3.56 -25.65 -15.26
C PRO A 151 -2.43 -25.35 -14.29
N LEU A 152 -1.60 -26.35 -13.99
CA LEU A 152 -0.49 -26.20 -13.05
C LEU A 152 0.46 -25.05 -13.38
N CYS A 153 0.69 -24.73 -14.69
CA CYS A 153 1.59 -23.62 -15.08
C CYS A 153 1.04 -22.24 -14.66
N HIS A 154 -0.28 -22.15 -14.40
CA HIS A 154 -0.93 -20.91 -13.94
C HIS A 154 -0.69 -20.57 -12.47
N PHE A 155 -0.22 -21.55 -11.68
CA PHE A 155 0.10 -21.34 -10.26
C PHE A 155 1.49 -20.74 -10.16
N GLN A 156 1.62 -19.64 -9.39
CA GLN A 156 2.90 -18.95 -9.15
C GLN A 156 3.99 -19.91 -8.67
N TYR A 157 3.62 -20.85 -7.78
CA TYR A 157 4.57 -21.82 -7.27
C TYR A 157 5.17 -22.71 -8.39
N ILE A 158 4.31 -23.27 -9.25
CA ILE A 158 4.75 -24.14 -10.34
C ILE A 158 5.57 -23.34 -11.34
N CYS A 159 5.10 -22.13 -11.70
CA CYS A 159 5.74 -21.20 -12.62
C CYS A 159 7.16 -20.89 -12.15
N SER A 160 7.34 -20.71 -10.84
CA SER A 160 8.63 -20.44 -10.20
C SER A 160 9.55 -21.65 -10.31
N CYS A 161 9.01 -22.86 -10.04
CA CYS A 161 9.75 -24.12 -10.10
C CYS A 161 10.25 -24.36 -11.53
N LEU A 162 9.40 -24.05 -12.54
CA LEU A 162 9.74 -24.17 -13.95
C LEU A 162 10.93 -23.25 -14.30
N HIS A 163 10.87 -21.97 -13.89
CA HIS A 163 11.94 -21.00 -14.13
C HIS A 163 13.24 -21.33 -13.42
N SER A 164 13.17 -21.81 -12.15
CA SER A 164 14.36 -22.17 -11.37
C SER A 164 14.89 -23.60 -11.66
N GLY A 165 14.13 -24.42 -12.40
CA GLY A 165 14.46 -25.80 -12.73
C GLY A 165 14.15 -26.83 -11.66
N LEU A 166 13.80 -26.36 -10.43
CA LEU A 166 13.48 -27.21 -9.27
C LEU A 166 12.17 -28.02 -9.43
N THR A 167 12.06 -29.15 -8.71
CA THR A 167 10.92 -30.07 -8.76
C THR A 167 9.85 -29.65 -7.72
N PRO A 168 8.62 -29.35 -8.15
CA PRO A 168 7.55 -29.06 -7.17
C PRO A 168 7.38 -30.19 -6.15
N HIS A 169 7.32 -29.84 -4.87
CA HIS A 169 7.13 -30.78 -3.76
C HIS A 169 5.77 -30.49 -3.12
N LEU A 170 4.81 -31.41 -3.28
CA LEU A 170 3.45 -31.17 -2.80
C LEU A 170 2.97 -32.24 -1.83
N THR A 171 2.04 -31.86 -0.96
CA THR A 171 1.43 -32.77 0.00
C THR A 171 -0.07 -32.90 -0.23
N MET A 172 -0.57 -34.14 -0.34
CA MET A 172 -2.01 -34.39 -0.47
C MET A 172 -2.62 -34.19 0.90
N VAL A 173 -3.51 -33.20 1.04
CA VAL A 173 -4.16 -32.90 2.31
C VAL A 173 -5.66 -33.16 2.15
N HIS A 174 -6.22 -34.06 2.98
CA HIS A 174 -7.64 -34.44 2.94
C HIS A 174 -8.54 -33.35 3.54
N SER A 175 -9.80 -33.30 3.12
CA SER A 175 -10.80 -32.32 3.57
C SER A 175 -11.03 -32.32 5.09
N SER A 176 -10.93 -33.50 5.74
CA SER A 176 -11.10 -33.65 7.20
C SER A 176 -9.99 -32.89 7.94
N SER A 177 -8.78 -32.87 7.35
CA SER A 177 -7.63 -32.17 7.91
C SER A 177 -7.83 -30.65 7.78
N ILE A 178 -8.38 -30.21 6.65
CA ILE A 178 -8.68 -28.78 6.42
C ILE A 178 -9.77 -28.31 7.41
N LEU A 179 -10.80 -29.16 7.62
CA LEU A 179 -11.89 -28.86 8.56
C LEU A 179 -11.42 -28.80 10.00
N ALA A 180 -10.47 -29.67 10.35
CA ALA A 180 -9.84 -29.68 11.66
C ALA A 180 -9.11 -28.32 11.88
N MET A 181 -8.51 -27.75 10.82
CA MET A 181 -7.84 -26.44 10.91
C MET A 181 -8.87 -25.36 11.13
N ARG A 182 -9.98 -25.39 10.34
CA ARG A 182 -11.09 -24.43 10.46
C ARG A 182 -11.60 -24.42 11.90
N ASP A 183 -11.89 -25.59 12.47
CA ASP A 183 -12.40 -25.76 13.82
C ASP A 183 -11.42 -25.30 14.90
N GLU A 184 -10.12 -25.63 14.75
CA GLU A 184 -9.03 -25.30 15.70
C GLU A 184 -8.86 -23.79 15.83
N GLN A 185 -9.09 -23.09 14.72
CA GLN A 185 -8.87 -21.66 14.60
C GLN A 185 -10.13 -20.81 14.84
N SER A 186 -11.16 -21.41 15.47
CA SER A 186 -12.40 -20.70 15.76
C SER A 186 -12.28 -19.67 16.88
N ASN A 187 -13.07 -18.58 16.80
CA ASN A 187 -13.19 -17.61 17.87
C ASN A 187 -13.79 -18.37 19.07
N PRO A 188 -13.40 -18.09 20.34
CA PRO A 188 -13.99 -18.83 21.47
C PRO A 188 -15.52 -18.65 21.64
N ALA A 189 -16.13 -19.53 22.47
CA ALA A 189 -17.57 -19.52 22.76
C ALA A 189 -17.97 -18.27 23.55
N SER A 211 -34.75 23.30 10.03
CA SER A 211 -34.09 23.00 8.77
C SER A 211 -32.90 23.91 8.53
N LEU A 212 -31.79 23.31 8.09
CA LEU A 212 -30.54 23.99 7.77
C LEU A 212 -30.71 24.99 6.64
N TRP A 213 -31.48 24.61 5.59
CA TRP A 213 -31.71 25.37 4.38
C TRP A 213 -32.49 26.68 4.58
N SER A 214 -33.07 26.89 5.78
CA SER A 214 -33.79 28.12 6.12
C SER A 214 -32.82 29.14 6.71
N LEU A 215 -31.73 28.66 7.33
CA LEU A 215 -30.73 29.50 8.01
C LEU A 215 -29.87 30.29 7.01
N GLU A 216 -30.36 31.48 6.62
CA GLU A 216 -29.71 32.31 5.60
C GLU A 216 -28.56 33.19 6.11
N GLN A 217 -28.44 33.40 7.43
CA GLN A 217 -27.44 34.25 8.04
C GLN A 217 -25.99 33.80 7.72
N PRO A 218 -25.00 34.73 7.63
CA PRO A 218 -23.63 34.29 7.32
C PRO A 218 -23.05 33.41 8.42
N PHE A 219 -22.20 32.45 8.06
CA PHE A 219 -21.57 31.61 9.07
C PHE A 219 -20.55 32.46 9.82
N SER A 220 -20.47 32.29 11.13
CA SER A 220 -19.57 33.06 11.98
C SER A 220 -19.18 32.27 13.21
N ILE A 221 -18.05 32.63 13.82
CA ILE A 221 -17.55 31.99 15.03
C ILE A 221 -17.01 33.09 15.93
N GLU A 222 -16.87 32.77 17.21
CA GLU A 222 -16.20 33.65 18.13
C GLU A 222 -14.86 32.97 18.39
N LEU A 223 -13.78 33.72 18.19
CA LEU A 223 -12.42 33.28 18.51
C LEU A 223 -12.23 33.82 19.92
N ILE A 224 -12.19 32.92 20.91
CA ILE A 224 -12.09 33.37 22.29
C ILE A 224 -10.64 33.67 22.67
N GLU A 225 -9.83 32.62 22.87
CA GLU A 225 -8.46 32.77 23.33
C GLU A 225 -7.54 31.61 22.91
N GLY A 226 -6.25 31.75 23.21
CA GLY A 226 -5.23 30.74 23.01
C GLY A 226 -4.59 30.37 24.32
N ARG A 227 -3.99 29.17 24.42
CA ARG A 227 -3.31 28.70 25.63
C ARG A 227 -2.03 27.97 25.22
N LYS A 228 -0.96 28.03 26.05
CA LYS A 228 0.34 27.39 25.81
C LYS A 228 1.00 27.78 24.44
N VAL A 229 0.91 29.05 24.05
CA VAL A 229 1.50 29.58 22.81
C VAL A 229 2.97 29.97 23.04
N ASN A 230 3.89 29.48 22.18
CA ASN A 230 5.32 29.79 22.26
C ASN A 230 5.78 30.48 20.99
N ALA A 231 6.18 31.75 21.13
CA ALA A 231 6.64 32.58 20.02
C ALA A 231 7.47 33.74 20.54
N ASP A 232 8.20 34.40 19.63
CA ASP A 232 9.02 35.56 19.92
C ASP A 232 8.16 36.71 20.44
N GLU A 233 8.45 37.17 21.68
CA GLU A 233 7.77 38.27 22.38
C GLU A 233 7.72 39.60 21.64
N ARG A 234 8.65 39.77 20.68
CA ARG A 234 8.74 40.98 19.86
C ARG A 234 7.64 41.02 18.79
N MET A 235 7.07 39.86 18.45
CA MET A 235 6.09 39.71 17.39
C MET A 235 4.62 39.83 17.85
N LYS A 236 3.66 39.65 16.92
CA LYS A 236 2.24 39.68 17.25
C LYS A 236 1.64 38.35 16.81
N LEU A 237 0.48 37.96 17.38
CA LEU A 237 -0.17 36.69 17.00
C LEU A 237 -1.41 36.97 16.18
N VAL A 238 -1.66 36.13 15.15
CA VAL A 238 -2.82 36.25 14.26
C VAL A 238 -3.36 34.84 14.04
N VAL A 239 -4.69 34.71 13.86
CA VAL A 239 -5.34 33.43 13.58
C VAL A 239 -6.00 33.58 12.21
N GLN A 240 -5.57 32.76 11.24
CA GLN A 240 -6.18 32.72 9.90
C GLN A 240 -7.19 31.59 9.99
N ALA A 241 -8.39 31.80 9.44
CA ALA A 241 -9.45 30.80 9.44
C ALA A 241 -10.04 30.70 8.05
N GLY A 242 -10.27 29.47 7.60
CA GLY A 242 -10.87 29.22 6.30
C GLY A 242 -11.83 28.07 6.37
N LEU A 243 -12.84 28.09 5.51
CA LEU A 243 -13.83 27.03 5.37
C LEU A 243 -13.52 26.30 4.10
N PHE A 244 -13.39 24.97 4.21
CA PHE A 244 -13.02 24.14 3.08
C PHE A 244 -13.94 22.95 2.86
N HIS A 245 -13.95 22.48 1.62
CA HIS A 245 -14.60 21.26 1.20
C HIS A 245 -13.47 20.59 0.45
N GLY A 246 -12.75 19.74 1.17
CA GLY A 246 -11.54 19.11 0.65
C GLY A 246 -10.43 20.16 0.61
N ASN A 247 -9.83 20.35 -0.57
CA ASN A 247 -8.76 21.34 -0.75
C ASN A 247 -9.35 22.69 -1.11
N GLU A 248 -10.59 22.69 -1.64
CA GLU A 248 -11.26 23.88 -2.12
C GLU A 248 -11.89 24.76 -1.04
N MET A 249 -11.58 26.06 -1.12
CA MET A 249 -12.14 27.10 -0.25
C MET A 249 -13.61 27.26 -0.56
N LEU A 250 -14.45 27.32 0.48
CA LEU A 250 -15.90 27.53 0.33
C LEU A 250 -16.24 29.01 0.26
N CYS A 251 -15.24 29.86 0.60
CA CYS A 251 -15.31 31.33 0.61
C CYS A 251 -13.91 31.85 0.95
N LYS A 252 -13.75 33.17 0.94
CA LYS A 252 -12.49 33.84 1.30
C LYS A 252 -12.08 33.50 2.75
N THR A 253 -10.77 33.41 3.00
CA THR A 253 -10.25 33.17 4.35
C THR A 253 -10.45 34.47 5.16
N VAL A 254 -10.55 34.35 6.49
CA VAL A 254 -10.73 35.51 7.37
C VAL A 254 -9.61 35.51 8.40
N SER A 255 -9.13 36.69 8.79
CA SER A 255 -8.05 36.77 9.77
C SER A 255 -8.49 37.52 11.00
N SER A 256 -7.97 37.12 12.17
CA SER A 256 -8.28 37.83 13.41
C SER A 256 -7.46 39.13 13.44
N SER A 257 -7.66 39.94 14.49
CA SER A 257 -6.87 41.14 14.72
C SER A 257 -5.50 40.67 15.27
N GLU A 258 -4.45 41.49 15.08
CA GLU A 258 -3.11 41.16 15.56
C GLU A 258 -3.09 41.49 17.06
N VAL A 259 -2.69 40.52 17.90
CA VAL A 259 -2.62 40.69 19.35
C VAL A 259 -1.20 40.33 19.81
N ASN A 260 -0.55 41.14 20.67
CA ASN A 260 0.82 40.90 21.17
C ASN A 260 1.09 39.47 21.60
N VAL A 261 2.30 38.97 21.32
CA VAL A 261 2.71 37.62 21.70
C VAL A 261 2.73 37.49 23.22
N CYS A 262 2.04 36.45 23.71
CA CYS A 262 1.97 36.01 25.10
C CYS A 262 1.47 34.56 25.11
N SER A 263 1.64 33.87 26.24
CA SER A 263 1.28 32.47 26.46
C SER A 263 -0.21 32.20 26.33
N GLU A 264 -1.04 33.17 26.77
CA GLU A 264 -2.50 33.06 26.73
C GLU A 264 -3.13 34.23 25.93
N PRO A 265 -3.01 34.28 24.58
CA PRO A 265 -3.60 35.43 23.84
C PRO A 265 -5.11 35.47 23.92
N VAL A 266 -5.69 36.66 24.00
CA VAL A 266 -7.15 36.81 24.11
C VAL A 266 -7.66 37.64 22.95
N TRP A 267 -8.57 37.07 22.16
CA TRP A 267 -9.17 37.80 21.04
C TRP A 267 -10.58 38.23 21.38
N LYS A 268 -11.44 37.28 21.84
CA LYS A 268 -12.86 37.48 22.15
C LYS A 268 -13.56 38.23 21.01
N GLN A 269 -13.30 37.81 19.76
CA GLN A 269 -13.86 38.49 18.61
C GLN A 269 -14.58 37.57 17.65
N ARG A 270 -15.54 38.14 16.91
CA ARG A 270 -16.32 37.41 15.93
C ARG A 270 -15.66 37.42 14.57
N LEU A 271 -15.55 36.24 13.95
CA LEU A 271 -15.01 36.07 12.60
C LEU A 271 -16.18 35.63 11.73
N GLU A 272 -16.59 36.50 10.81
CA GLU A 272 -17.72 36.23 9.93
C GLU A 272 -17.24 35.83 8.54
N PHE A 273 -17.83 34.76 8.01
CA PHE A 273 -17.46 34.18 6.71
C PHE A 273 -18.46 34.56 5.62
N ASP A 274 -18.02 34.57 4.36
CA ASP A 274 -18.85 34.93 3.20
C ASP A 274 -19.57 33.69 2.62
N ILE A 275 -20.40 33.06 3.46
CA ILE A 275 -21.21 31.88 3.15
C ILE A 275 -22.34 31.74 4.14
N SER A 276 -23.57 31.51 3.64
CA SER A 276 -24.73 31.35 4.51
C SER A 276 -24.67 29.99 5.18
N VAL A 277 -25.22 29.88 6.40
CA VAL A 277 -25.26 28.61 7.16
C VAL A 277 -25.94 27.51 6.31
N CYS A 278 -27.05 27.87 5.60
CA CYS A 278 -27.79 26.93 4.72
C CYS A 278 -26.93 26.32 3.63
N ASP A 279 -25.85 27.01 3.20
CA ASP A 279 -24.96 26.60 2.10
C ASP A 279 -23.73 25.80 2.52
N LEU A 280 -23.61 25.47 3.81
CA LEU A 280 -22.49 24.67 4.27
C LEU A 280 -22.69 23.22 3.80
N PRO A 281 -21.76 22.68 2.99
CA PRO A 281 -21.92 21.28 2.56
C PRO A 281 -21.68 20.37 3.77
N ARG A 282 -22.22 19.14 3.74
CA ARG A 282 -22.09 18.15 4.81
C ARG A 282 -20.65 17.94 5.33
N MET A 283 -19.68 17.94 4.42
CA MET A 283 -18.27 17.70 4.77
C MET A 283 -17.46 18.99 4.91
N ALA A 284 -18.13 20.09 5.24
CA ALA A 284 -17.40 21.36 5.42
C ALA A 284 -16.48 21.26 6.63
N ARG A 285 -15.25 21.72 6.46
CA ARG A 285 -14.27 21.75 7.55
C ARG A 285 -13.79 23.17 7.80
N LEU A 286 -13.70 23.54 9.09
CA LEU A 286 -13.25 24.85 9.51
C LEU A 286 -11.79 24.68 9.90
N CYS A 287 -10.91 25.44 9.23
CA CYS A 287 -9.46 25.29 9.34
C CYS A 287 -8.78 26.50 9.85
N PHE A 288 -7.92 26.29 10.84
CA PHE A 288 -7.23 27.37 11.53
C PHE A 288 -5.72 27.27 11.44
N ALA A 289 -5.05 28.42 11.44
CA ALA A 289 -3.59 28.48 11.52
C ALA A 289 -3.20 29.66 12.41
N LEU A 290 -2.48 29.36 13.49
CA LEU A 290 -2.00 30.38 14.43
C LEU A 290 -0.59 30.71 14.01
N TYR A 291 -0.28 32.00 13.83
CA TYR A 291 1.07 32.36 13.42
C TYR A 291 1.53 33.67 14.02
N ALA A 292 2.84 33.94 13.93
CA ALA A 292 3.43 35.16 14.44
C ALA A 292 3.85 36.04 13.28
N VAL A 293 3.70 37.36 13.45
CA VAL A 293 4.09 38.34 12.45
C VAL A 293 4.89 39.46 13.13
N VAL A 294 5.85 40.05 12.40
CA VAL A 294 6.69 41.16 12.88
C VAL A 294 5.87 42.43 13.18
N ASP A 311 6.82 35.71 7.93
CA ASP A 311 5.84 35.04 8.78
C ASP A 311 6.43 33.83 9.51
N CYS A 312 6.02 33.64 10.78
CA CYS A 312 6.46 32.55 11.66
C CYS A 312 5.28 31.62 11.97
N PRO A 313 5.12 30.48 11.23
CA PRO A 313 3.99 29.56 11.54
C PRO A 313 4.18 28.91 12.91
N ILE A 314 3.08 28.73 13.66
CA ILE A 314 3.16 28.14 15.00
C ILE A 314 2.40 26.84 15.08
N ALA A 315 1.07 26.89 14.82
CA ALA A 315 0.24 25.68 14.91
C ALA A 315 -0.97 25.78 14.01
N TRP A 316 -1.64 24.63 13.80
CA TRP A 316 -2.84 24.54 12.96
C TRP A 316 -3.82 23.55 13.61
N ALA A 317 -5.12 23.66 13.26
CA ALA A 317 -6.17 22.80 13.80
C ALA A 317 -7.37 22.88 12.87
N ASN A 318 -8.01 21.73 12.65
CA ASN A 318 -9.20 21.65 11.79
C ASN A 318 -10.30 20.93 12.55
N LEU A 319 -11.54 21.20 12.18
CA LEU A 319 -12.69 20.50 12.75
C LEU A 319 -13.82 20.47 11.72
N MET A 320 -14.60 19.39 11.75
CA MET A 320 -15.78 19.27 10.90
C MET A 320 -16.84 20.15 11.54
N LEU A 321 -17.66 20.83 10.74
CA LEU A 321 -18.73 21.71 11.25
C LEU A 321 -19.95 20.90 11.73
N PHE A 322 -20.16 19.71 11.14
CA PHE A 322 -21.22 18.78 11.53
C PHE A 322 -20.54 17.59 12.23
N ASP A 323 -21.16 17.01 13.27
CA ASP A 323 -20.56 15.85 13.93
C ASP A 323 -20.85 14.58 13.17
N TYR A 324 -20.51 13.43 13.77
CA TYR A 324 -20.68 12.12 13.17
C TYR A 324 -22.15 11.71 13.03
N LYS A 325 -23.04 12.36 13.80
CA LYS A 325 -24.49 12.08 13.77
C LYS A 325 -25.24 13.13 12.92
N ASP A 326 -24.50 13.88 12.06
CA ASP A 326 -25.03 14.91 11.13
C ASP A 326 -25.54 16.20 11.81
N GLN A 327 -25.29 16.38 13.12
CA GLN A 327 -25.73 17.58 13.85
C GLN A 327 -24.73 18.72 13.66
N LEU A 328 -25.24 19.93 13.36
CA LEU A 328 -24.43 21.14 13.23
C LEU A 328 -23.91 21.46 14.62
N LYS A 329 -22.59 21.54 14.76
CA LYS A 329 -21.94 21.81 16.04
C LYS A 329 -22.22 23.22 16.54
N THR A 330 -22.48 23.33 17.85
CA THR A 330 -22.71 24.58 18.58
C THR A 330 -21.95 24.53 19.93
N GLY A 331 -21.74 25.70 20.52
CA GLY A 331 -21.04 25.83 21.79
C GLY A 331 -19.53 25.93 21.69
N GLU A 332 -18.87 25.84 22.84
CA GLU A 332 -17.43 25.99 22.97
C GLU A 332 -16.69 24.77 22.52
N ARG A 333 -15.56 25.02 21.84
CA ARG A 333 -14.65 23.97 21.40
C ARG A 333 -13.23 24.33 21.78
N CYS A 334 -12.53 23.41 22.44
CA CYS A 334 -11.14 23.64 22.76
C CYS A 334 -10.36 22.80 21.76
N LEU A 335 -9.63 23.48 20.87
CA LEU A 335 -8.90 22.82 19.79
C LEU A 335 -7.41 22.71 20.11
N TYR A 336 -6.95 21.49 20.45
CA TYR A 336 -5.55 21.22 20.75
C TYR A 336 -4.83 21.14 19.41
N MET A 337 -3.96 22.12 19.19
CA MET A 337 -3.33 22.34 17.88
C MET A 337 -2.11 21.50 17.60
N TRP A 338 -1.79 21.34 16.32
CA TRP A 338 -0.66 20.56 15.83
C TRP A 338 0.45 21.51 15.40
N PRO A 339 1.74 21.19 15.68
CA PRO A 339 2.84 22.10 15.28
C PRO A 339 2.96 22.27 13.77
N SER A 340 3.34 23.48 13.31
CA SER A 340 3.48 23.75 11.88
C SER A 340 4.95 23.59 11.42
N VAL A 341 5.24 22.43 10.79
CA VAL A 341 6.56 22.06 10.26
C VAL A 341 6.76 22.70 8.87
N LEU A 348 -0.64 28.82 4.81
CA LEU A 348 -0.38 28.28 6.14
C LEU A 348 -1.46 27.34 6.62
N LEU A 349 -2.69 27.51 6.09
CA LEU A 349 -3.82 26.63 6.43
C LEU A 349 -3.57 25.25 5.88
N ASN A 350 -3.95 24.22 6.64
CA ASN A 350 -3.71 22.83 6.29
C ASN A 350 -5.04 22.03 6.17
N PRO A 351 -5.88 22.28 5.12
CA PRO A 351 -7.17 21.58 5.04
C PRO A 351 -7.09 20.06 4.99
N ALA A 352 -6.00 19.48 4.45
CA ALA A 352 -5.91 18.01 4.38
C ALA A 352 -5.53 17.39 5.72
N GLY A 353 -5.16 18.22 6.68
CA GLY A 353 -4.81 17.81 8.03
C GLY A 353 -5.97 17.15 8.77
N THR A 354 -5.65 16.26 9.71
CA THR A 354 -6.65 15.60 10.54
C THR A 354 -7.63 16.58 11.23
N VAL A 355 -8.90 16.15 11.36
CA VAL A 355 -9.96 16.94 12.05
C VAL A 355 -10.10 16.54 13.53
N ARG A 356 -9.11 15.83 14.06
CA ARG A 356 -9.10 15.46 15.48
C ARG A 356 -7.96 16.23 16.13
N GLY A 357 -8.18 16.64 17.36
CA GLY A 357 -7.23 17.41 18.14
C GLY A 357 -5.97 16.66 18.50
N ASN A 358 -4.89 17.42 18.77
CA ASN A 358 -3.61 16.87 19.16
C ASN A 358 -3.73 16.18 20.54
N PRO A 359 -3.41 14.85 20.67
CA PRO A 359 -3.56 14.16 21.98
C PRO A 359 -2.62 14.65 23.09
N ASN A 360 -1.51 15.33 22.72
CA ASN A 360 -0.56 15.86 23.68
C ASN A 360 -1.08 17.18 24.25
N THR A 361 -2.19 17.10 25.01
CA THR A 361 -2.85 18.26 25.63
C THR A 361 -1.98 18.97 26.68
N GLU A 362 -0.91 18.31 27.16
CA GLU A 362 0.00 18.88 28.15
C GLU A 362 0.93 19.92 27.52
N SER A 363 1.38 19.70 26.27
CA SER A 363 2.33 20.60 25.60
C SER A 363 1.77 21.36 24.37
N ALA A 364 0.62 20.94 23.82
CA ALA A 364 0.08 21.57 22.61
C ALA A 364 -0.51 22.95 22.85
N ALA A 365 -0.34 23.84 21.86
CA ALA A 365 -0.97 25.15 21.88
C ALA A 365 -2.48 24.83 21.72
N ALA A 366 -3.34 25.63 22.34
CA ALA A 366 -4.78 25.38 22.24
C ALA A 366 -5.49 26.64 21.80
N LEU A 367 -6.53 26.50 20.96
CA LEU A 367 -7.38 27.61 20.50
C LEU A 367 -8.77 27.33 21.02
N VAL A 368 -9.37 28.30 21.69
CA VAL A 368 -10.70 28.21 22.26
C VAL A 368 -11.63 29.01 21.37
N ILE A 369 -12.66 28.35 20.84
CA ILE A 369 -13.63 29.02 19.93
C ILE A 369 -15.06 28.79 20.40
N TYR A 370 -16.02 29.58 19.87
CA TYR A 370 -17.43 29.40 20.16
C TYR A 370 -18.26 29.31 18.88
N LEU A 371 -18.97 28.20 18.71
CA LEU A 371 -19.84 27.95 17.55
C LEU A 371 -21.26 28.41 17.95
N PRO A 372 -21.81 29.48 17.34
CA PRO A 372 -23.11 30.01 17.82
C PRO A 372 -24.32 29.10 17.63
N GLU A 373 -25.26 29.16 18.60
CA GLU A 373 -26.53 28.44 18.60
C GLU A 373 -27.36 29.15 17.54
N VAL A 374 -27.45 28.56 16.36
CA VAL A 374 -28.13 29.09 15.18
C VAL A 374 -29.65 28.93 15.23
N ALA A 375 -30.17 28.11 16.16
CA ALA A 375 -31.59 27.81 16.31
C ALA A 375 -31.90 27.37 17.75
N PRO A 376 -33.16 27.52 18.26
CA PRO A 376 -33.43 27.11 19.65
C PRO A 376 -33.46 25.59 19.84
N HIS A 377 -33.38 24.84 18.73
CA HIS A 377 -33.41 23.38 18.70
C HIS A 377 -32.20 22.87 17.92
N PRO A 378 -31.76 21.60 18.12
CA PRO A 378 -30.63 21.09 17.32
C PRO A 378 -30.93 21.09 15.81
N VAL A 379 -29.87 21.28 14.97
CA VAL A 379 -29.99 21.35 13.51
C VAL A 379 -29.17 20.22 12.90
N TYR A 380 -29.78 19.41 12.02
CA TYR A 380 -29.11 18.29 11.38
C TYR A 380 -29.02 18.52 9.89
N PHE A 381 -27.99 17.98 9.25
CA PHE A 381 -27.89 18.07 7.80
C PHE A 381 -29.12 17.34 7.21
N PRO A 382 -29.79 17.87 6.18
CA PRO A 382 -30.97 17.18 5.65
C PRO A 382 -30.74 15.74 5.22
N ALA A 383 -31.75 14.88 5.41
CA ALA A 383 -31.66 13.48 5.02
C ALA A 383 -31.61 13.37 3.49
N LEU A 384 -31.03 12.27 2.96
CA LEU A 384 -30.94 12.02 1.52
C LEU A 384 -32.26 12.27 0.75
N GLU A 385 -33.41 11.82 1.32
CA GLU A 385 -34.72 12.03 0.69
C GLU A 385 -35.07 13.52 0.51
N LYS A 386 -34.70 14.39 1.48
CA LYS A 386 -34.91 15.83 1.35
C LYS A 386 -34.02 16.38 0.23
N ILE A 387 -32.71 15.94 0.19
CA ILE A 387 -31.74 16.34 -0.82
C ILE A 387 -32.23 15.96 -2.22
N LEU A 388 -32.68 14.70 -2.38
CA LEU A 388 -33.19 14.18 -3.66
C LEU A 388 -34.42 14.95 -4.13
N GLU A 389 -35.32 15.33 -3.19
CA GLU A 389 -36.51 16.10 -3.51
C GLU A 389 -36.11 17.47 -4.07
N LEU A 390 -35.13 18.17 -3.42
CA LEU A 390 -34.63 19.47 -3.87
C LEU A 390 -33.94 19.33 -5.25
N GLY A 391 -33.05 18.34 -5.36
CA GLY A 391 -32.23 18.10 -6.54
C GLY A 391 -32.95 17.60 -7.77
N ARG A 392 -34.12 16.93 -7.58
CA ARG A 392 -35.01 16.35 -8.60
C ARG A 392 -35.50 17.41 -9.62
N HIS A 393 -35.54 18.67 -9.18
CA HIS A 393 -35.99 19.77 -10.03
C HIS A 393 -34.85 20.51 -10.67
N GLY A 394 -35.01 20.78 -11.95
CA GLY A 394 -34.02 21.49 -12.76
C GLY A 394 -34.42 21.65 -14.23
N GLU A 395 -33.52 22.29 -14.99
CA GLU A 395 -33.68 22.52 -16.42
C GLU A 395 -32.68 21.62 -17.13
N ARG A 396 -33.17 20.76 -18.04
CA ARG A 396 -32.34 19.86 -18.80
C ARG A 396 -31.76 20.60 -19.99
N GLY A 397 -30.43 20.53 -20.12
CA GLY A 397 -29.66 21.22 -21.14
C GLY A 397 -30.02 20.92 -22.58
N ARG A 398 -30.30 21.99 -23.34
CA ARG A 398 -30.61 21.96 -24.77
C ARG A 398 -29.53 22.80 -25.46
N ILE A 399 -28.67 22.15 -26.24
CA ILE A 399 -27.54 22.80 -26.91
C ILE A 399 -27.44 22.48 -28.40
N THR A 400 -26.67 23.30 -29.13
CA THR A 400 -26.38 23.16 -30.56
C THR A 400 -25.48 21.92 -30.79
N GLU A 401 -25.44 21.42 -32.04
CA GLU A 401 -24.62 20.28 -32.44
C GLU A 401 -23.12 20.63 -32.32
N GLU A 402 -22.77 21.92 -32.50
CA GLU A 402 -21.42 22.45 -32.37
C GLU A 402 -20.94 22.43 -30.91
N GLU A 403 -21.85 22.79 -29.97
CA GLU A 403 -21.58 22.78 -28.53
C GLU A 403 -21.44 21.34 -28.01
N GLN A 404 -22.20 20.40 -28.61
CA GLN A 404 -22.16 18.97 -28.26
C GLN A 404 -20.78 18.40 -28.59
N LEU A 405 -20.17 18.88 -29.68
CA LEU A 405 -18.84 18.52 -30.14
C LEU A 405 -17.77 19.13 -29.22
N GLN A 406 -18.02 20.37 -28.73
CA GLN A 406 -17.13 21.08 -27.81
C GLN A 406 -17.17 20.43 -26.42
N LEU A 407 -18.36 19.97 -25.99
CA LEU A 407 -18.59 19.28 -24.72
C LEU A 407 -17.91 17.91 -24.76
N ARG A 408 -18.07 17.17 -25.89
CA ARG A 408 -17.44 15.85 -26.10
C ARG A 408 -15.92 15.99 -26.04
N GLU A 409 -15.38 17.08 -26.62
CA GLU A 409 -13.96 17.42 -26.66
C GLU A 409 -13.37 17.57 -25.24
N ILE A 410 -14.08 18.31 -24.35
CA ILE A 410 -13.60 18.56 -22.99
C ILE A 410 -13.81 17.33 -22.06
N LEU A 411 -14.94 16.61 -22.16
CA LEU A 411 -15.19 15.44 -21.29
C LEU A 411 -14.27 14.26 -21.60
N GLU A 412 -13.82 14.16 -22.87
CA GLU A 412 -12.91 13.10 -23.31
C GLU A 412 -11.43 13.50 -23.19
N ARG A 413 -11.16 14.73 -22.71
CA ARG A 413 -9.81 15.28 -22.52
C ARG A 413 -9.12 14.71 -21.28
N GLY A 417 -6.54 18.22 -15.33
CA GLY A 417 -7.67 18.39 -16.25
C GLY A 417 -8.32 19.75 -16.19
N GLU A 418 -7.54 20.79 -15.82
CA GLU A 418 -7.95 22.19 -15.65
C GLU A 418 -8.70 22.76 -16.85
N LEU A 419 -9.85 23.40 -16.58
CA LEU A 419 -10.73 24.01 -17.58
C LEU A 419 -10.84 25.51 -17.33
N TYR A 420 -11.24 26.26 -18.37
CA TYR A 420 -11.55 27.69 -18.28
C TYR A 420 -12.98 27.81 -17.73
N GLU A 421 -13.37 29.01 -17.27
CA GLU A 421 -14.68 29.26 -16.66
C GLU A 421 -15.86 28.88 -17.54
N HIS A 422 -15.87 29.28 -18.84
CA HIS A 422 -16.95 28.96 -19.78
C HIS A 422 -17.05 27.44 -20.04
N GLU A 423 -15.91 26.71 -19.99
CA GLU A 423 -15.85 25.25 -20.17
C GLU A 423 -16.53 24.56 -18.97
N LYS A 424 -16.35 25.12 -17.76
CA LYS A 424 -16.96 24.63 -16.52
C LYS A 424 -18.49 24.83 -16.59
N ASP A 425 -18.92 26.01 -17.09
CA ASP A 425 -20.34 26.34 -17.24
C ASP A 425 -21.08 25.38 -18.17
N LEU A 426 -20.44 25.01 -19.31
CA LEU A 426 -21.01 24.09 -20.30
C LEU A 426 -21.13 22.68 -19.70
N VAL A 427 -20.11 22.21 -18.95
CA VAL A 427 -20.14 20.91 -18.28
C VAL A 427 -21.34 20.89 -17.30
N TRP A 428 -21.44 21.93 -16.42
CA TRP A 428 -22.54 22.01 -15.46
C TRP A 428 -23.91 22.03 -16.15
N LYS A 429 -24.07 22.89 -17.18
CA LYS A 429 -25.31 23.02 -17.97
C LYS A 429 -25.70 21.66 -18.55
N MET A 430 -24.71 20.92 -19.08
CA MET A 430 -24.95 19.62 -19.71
C MET A 430 -24.72 18.41 -18.78
N ARG A 431 -24.92 18.58 -17.46
CA ARG A 431 -24.73 17.51 -16.46
C ARG A 431 -25.61 16.25 -16.69
N HIS A 432 -26.81 16.41 -17.29
CA HIS A 432 -27.67 15.26 -17.59
C HIS A 432 -27.05 14.43 -18.71
N GLU A 433 -26.48 15.13 -19.73
CA GLU A 433 -25.79 14.52 -20.87
C GLU A 433 -24.55 13.78 -20.37
N VAL A 434 -23.84 14.36 -19.36
CA VAL A 434 -22.67 13.72 -18.71
C VAL A 434 -23.12 12.38 -18.12
N GLN A 435 -24.18 12.38 -17.31
CA GLN A 435 -24.68 11.16 -16.68
C GLN A 435 -25.10 10.07 -17.67
N GLU A 436 -25.86 10.46 -18.70
CA GLU A 436 -26.44 9.56 -19.68
C GLU A 436 -25.46 9.09 -20.76
N HIS A 437 -24.53 9.94 -21.23
CA HIS A 437 -23.65 9.56 -22.33
C HIS A 437 -22.15 9.57 -22.05
N PHE A 438 -21.70 10.21 -20.94
CA PHE A 438 -20.30 10.25 -20.54
C PHE A 438 -20.17 9.89 -19.03
N PRO A 439 -20.80 8.78 -18.53
CA PRO A 439 -20.73 8.48 -17.09
C PRO A 439 -19.34 8.39 -16.47
N GLU A 440 -18.30 8.08 -17.26
CA GLU A 440 -16.95 8.00 -16.72
C GLU A 440 -16.33 9.38 -16.49
N ALA A 441 -17.05 10.46 -16.88
CA ALA A 441 -16.60 11.85 -16.68
C ALA A 441 -17.20 12.46 -15.40
N LEU A 442 -17.71 11.61 -14.48
CA LEU A 442 -18.26 12.02 -13.19
C LEU A 442 -17.29 12.91 -12.41
N ALA A 443 -16.00 12.50 -12.30
CA ALA A 443 -15.00 13.27 -11.56
C ALA A 443 -14.94 14.73 -12.08
N ARG A 444 -14.95 14.92 -13.42
CA ARG A 444 -14.92 16.23 -14.06
C ARG A 444 -16.14 17.06 -13.65
N LEU A 445 -17.34 16.43 -13.64
CA LEU A 445 -18.57 17.13 -13.24
C LEU A 445 -18.50 17.49 -11.76
N LEU A 446 -18.08 16.54 -10.90
CA LEU A 446 -17.91 16.81 -9.46
C LEU A 446 -17.00 18.01 -9.23
N LEU A 447 -15.92 18.16 -10.02
CA LEU A 447 -14.98 19.29 -9.88
C LEU A 447 -15.55 20.62 -10.38
N VAL A 448 -16.59 20.59 -11.22
CA VAL A 448 -17.18 21.86 -11.64
C VAL A 448 -18.38 22.22 -10.73
N THR A 449 -18.91 21.27 -9.93
CA THR A 449 -20.05 21.52 -9.02
C THR A 449 -19.68 22.62 -8.00
N LYS A 450 -20.63 23.49 -7.70
CA LYS A 450 -20.45 24.56 -6.71
C LYS A 450 -20.87 24.02 -5.33
N TRP A 451 -19.88 23.47 -4.60
CA TRP A 451 -20.06 22.85 -3.29
C TRP A 451 -20.48 23.83 -2.21
N ASN A 452 -20.42 25.15 -2.52
CA ASN A 452 -20.83 26.23 -1.62
C ASN A 452 -22.25 26.74 -1.92
N LYS A 453 -23.03 26.03 -2.75
CA LYS A 453 -24.43 26.40 -3.05
C LYS A 453 -25.22 25.11 -2.86
N HIS A 454 -26.03 25.03 -1.79
CA HIS A 454 -26.76 23.81 -1.43
C HIS A 454 -27.72 23.30 -2.54
N GLU A 455 -28.26 24.21 -3.37
CA GLU A 455 -29.14 23.85 -4.48
C GLU A 455 -28.35 23.11 -5.55
N ASP A 456 -27.15 23.62 -5.89
CA ASP A 456 -26.24 22.95 -6.85
C ASP A 456 -25.79 21.58 -6.36
N VAL A 457 -25.49 21.46 -5.05
CA VAL A 457 -25.06 20.21 -4.43
C VAL A 457 -26.20 19.18 -4.48
N ALA A 458 -27.44 19.62 -4.16
CA ALA A 458 -28.64 18.78 -4.23
C ALA A 458 -28.84 18.23 -5.65
N GLN A 459 -28.63 19.09 -6.68
CA GLN A 459 -28.77 18.72 -8.10
C GLN A 459 -27.67 17.75 -8.52
N MET A 460 -26.46 17.92 -7.97
CA MET A 460 -25.37 16.99 -8.24
C MET A 460 -25.68 15.61 -7.59
N LEU A 461 -26.12 15.62 -6.31
CA LEU A 461 -26.41 14.40 -5.55
C LEU A 461 -27.60 13.61 -6.12
N TYR A 462 -28.59 14.32 -6.74
CA TYR A 462 -29.71 13.67 -7.42
C TYR A 462 -29.19 12.81 -8.58
N LEU A 463 -28.26 13.35 -9.38
CA LEU A 463 -27.62 12.61 -10.48
C LEU A 463 -26.70 11.52 -9.98
N LEU A 464 -25.96 11.79 -8.88
CA LEU A 464 -25.03 10.80 -8.33
C LEU A 464 -25.78 9.55 -7.87
N CYS A 465 -26.97 9.75 -7.29
CA CYS A 465 -27.76 8.64 -6.75
C CYS A 465 -28.39 7.73 -7.82
N SER A 466 -28.35 8.14 -9.10
CA SER A 466 -28.76 7.25 -10.19
C SER A 466 -27.60 7.04 -11.19
N TRP A 467 -26.34 7.37 -10.77
CA TRP A 467 -25.16 7.25 -11.64
C TRP A 467 -24.78 5.78 -11.82
N PRO A 468 -24.52 5.30 -13.04
CA PRO A 468 -24.11 3.89 -13.17
C PRO A 468 -22.77 3.63 -12.45
N GLU A 469 -22.56 2.39 -11.98
CA GLU A 469 -21.29 2.00 -11.37
C GLU A 469 -20.18 2.21 -12.42
N LEU A 470 -19.02 2.65 -11.95
CA LEU A 470 -17.89 2.97 -12.80
C LEU A 470 -16.77 1.94 -12.70
N PRO A 471 -15.82 1.89 -13.66
CA PRO A 471 -14.72 0.91 -13.52
C PRO A 471 -13.88 1.19 -12.27
N VAL A 472 -13.14 0.16 -11.83
CA VAL A 472 -12.24 0.29 -10.69
C VAL A 472 -11.30 1.51 -10.84
N LEU A 473 -10.71 1.73 -12.06
CA LEU A 473 -9.82 2.88 -12.31
C LEU A 473 -10.47 4.23 -11.97
N SER A 474 -11.71 4.43 -12.42
CA SER A 474 -12.46 5.65 -12.15
C SER A 474 -12.69 5.82 -10.64
N ALA A 475 -13.06 4.74 -9.94
CA ALA A 475 -13.34 4.78 -8.50
C ALA A 475 -12.09 5.12 -7.67
N LEU A 476 -10.89 4.66 -8.10
CA LEU A 476 -9.65 4.98 -7.40
C LEU A 476 -9.41 6.50 -7.42
N GLU A 477 -9.71 7.16 -8.54
CA GLU A 477 -9.57 8.62 -8.66
C GLU A 477 -10.51 9.31 -7.68
N LEU A 478 -11.73 8.77 -7.52
CA LEU A 478 -12.78 9.34 -6.66
C LEU A 478 -12.48 9.23 -5.17
N LEU A 479 -11.49 8.41 -4.79
CA LEU A 479 -11.10 8.36 -3.38
C LEU A 479 -10.17 9.51 -3.00
N ASP A 480 -9.72 10.29 -3.99
CA ASP A 480 -8.80 11.41 -3.78
C ASP A 480 -9.48 12.42 -2.85
N PHE A 481 -8.66 13.14 -2.07
CA PHE A 481 -9.16 14.19 -1.16
C PHE A 481 -9.87 15.32 -1.95
N SER A 482 -9.64 15.38 -3.28
CA SER A 482 -10.32 16.33 -4.17
C SER A 482 -11.82 16.02 -4.26
N PHE A 483 -12.28 14.83 -3.75
CA PHE A 483 -13.70 14.42 -3.77
C PHE A 483 -14.12 14.16 -2.33
N PRO A 484 -14.28 15.21 -1.52
CA PRO A 484 -14.54 15.00 -0.08
C PRO A 484 -15.96 14.65 0.34
N ASP A 485 -16.95 14.81 -0.56
CA ASP A 485 -18.33 14.53 -0.17
C ASP A 485 -18.49 13.06 0.23
N CYS A 486 -19.31 12.80 1.27
CA CYS A 486 -19.56 11.46 1.83
C CYS A 486 -20.37 10.56 0.90
N TYR A 487 -21.26 11.12 0.07
CA TYR A 487 -22.03 10.32 -0.87
C TYR A 487 -21.14 9.93 -2.03
N VAL A 488 -20.23 10.84 -2.42
CA VAL A 488 -19.23 10.56 -3.45
C VAL A 488 -18.33 9.45 -2.95
N GLY A 489 -17.89 9.55 -1.68
CA GLY A 489 -17.04 8.53 -1.06
C GLY A 489 -17.71 7.16 -1.02
N SER A 490 -18.99 7.14 -0.66
CA SER A 490 -19.83 5.95 -0.64
C SER A 490 -20.00 5.39 -2.06
N PHE A 491 -20.13 6.28 -3.07
CA PHE A 491 -20.25 5.85 -4.47
C PHE A 491 -18.96 5.16 -4.92
N ALA A 492 -17.78 5.74 -4.58
CA ALA A 492 -16.47 5.18 -4.95
C ALA A 492 -16.31 3.79 -4.38
N ILE A 493 -16.68 3.58 -3.08
CA ILE A 493 -16.61 2.28 -2.42
C ILE A 493 -17.51 1.25 -3.12
N LYS A 494 -18.75 1.67 -3.47
CA LYS A 494 -19.69 0.81 -4.20
C LYS A 494 -19.10 0.34 -5.54
N SER A 495 -18.40 1.23 -6.30
CA SER A 495 -17.75 0.83 -7.57
C SER A 495 -16.48 0.01 -7.31
N LEU A 496 -15.91 0.04 -6.07
CA LEU A 496 -14.72 -0.77 -5.77
C LEU A 496 -15.04 -2.16 -5.23
N ARG A 497 -16.32 -2.45 -4.92
CA ARG A 497 -16.71 -3.77 -4.37
C ARG A 497 -16.36 -4.89 -5.34
N LYS A 498 -16.34 -4.59 -6.65
CA LYS A 498 -15.98 -5.57 -7.66
C LYS A 498 -14.45 -5.84 -7.73
N LEU A 499 -13.60 -5.12 -6.95
CA LEU A 499 -12.14 -5.38 -6.93
C LEU A 499 -11.92 -6.87 -6.57
N THR A 500 -11.09 -7.57 -7.32
CA THR A 500 -10.77 -8.95 -6.93
C THR A 500 -9.86 -8.86 -5.68
N ASP A 501 -9.64 -9.97 -4.99
CA ASP A 501 -8.71 -9.98 -3.85
C ASP A 501 -7.30 -9.63 -4.34
N ASP A 502 -6.94 -10.05 -5.56
CA ASP A 502 -5.61 -9.73 -6.11
C ASP A 502 -5.46 -8.23 -6.36
N GLU A 503 -6.50 -7.57 -6.90
CA GLU A 503 -6.44 -6.13 -7.16
C GLU A 503 -6.46 -5.37 -5.86
N LEU A 504 -7.29 -5.83 -4.91
CA LEU A 504 -7.39 -5.18 -3.59
C LEU A 504 -6.03 -5.22 -2.90
N PHE A 505 -5.38 -6.39 -2.95
CA PHE A 505 -4.05 -6.52 -2.39
C PHE A 505 -3.08 -5.55 -3.04
N GLN A 506 -3.14 -5.44 -4.38
CA GLN A 506 -2.26 -4.56 -5.14
C GLN A 506 -2.42 -3.07 -4.68
N TYR A 507 -3.65 -2.67 -4.35
CA TYR A 507 -3.89 -1.28 -3.96
C TYR A 507 -4.12 -1.06 -2.48
N LEU A 508 -3.92 -2.07 -1.68
CA LEU A 508 -4.18 -1.98 -0.23
C LEU A 508 -3.42 -0.86 0.43
N LEU A 509 -2.14 -0.71 0.09
CA LEU A 509 -1.33 0.36 0.69
C LEU A 509 -1.97 1.75 0.49
N GLN A 510 -2.46 2.03 -0.72
CA GLN A 510 -3.08 3.33 -1.03
C GLN A 510 -4.40 3.47 -0.29
N LEU A 511 -5.23 2.40 -0.27
CA LEU A 511 -6.53 2.46 0.45
C LEU A 511 -6.34 2.73 1.93
N VAL A 512 -5.26 2.17 2.54
CA VAL A 512 -4.96 2.43 3.97
C VAL A 512 -4.61 3.92 4.14
N GLN A 513 -3.79 4.49 3.23
CA GLN A 513 -3.45 5.93 3.30
C GLN A 513 -4.68 6.81 3.24
N VAL A 514 -5.70 6.45 2.42
CA VAL A 514 -6.97 7.21 2.26
C VAL A 514 -7.68 7.38 3.60
N LEU A 515 -7.54 6.38 4.52
CA LEU A 515 -8.10 6.44 5.90
C LEU A 515 -7.67 7.73 6.60
N LYS A 516 -6.44 8.23 6.32
CA LYS A 516 -5.93 9.46 6.92
C LYS A 516 -6.67 10.73 6.45
N TYR A 517 -7.45 10.63 5.38
CA TYR A 517 -8.25 11.77 4.87
C TYR A 517 -9.68 11.71 5.42
N GLU A 518 -10.09 10.56 5.99
CA GLU A 518 -11.48 10.40 6.46
C GLU A 518 -11.79 11.40 7.56
N SER A 519 -13.01 11.91 7.56
CA SER A 519 -13.42 12.93 8.53
C SER A 519 -13.98 12.32 9.81
N TYR A 520 -14.52 11.08 9.71
CA TYR A 520 -15.14 10.38 10.85
C TYR A 520 -14.60 8.96 10.98
N LEU A 521 -14.73 8.40 12.19
CA LEU A 521 -14.22 7.03 12.44
C LEU A 521 -15.02 5.95 11.71
N ASP A 522 -16.33 5.98 11.86
CA ASP A 522 -17.20 5.00 11.19
C ASP A 522 -17.44 5.53 9.79
N CYS A 523 -16.87 4.84 8.80
CA CYS A 523 -16.96 5.25 7.39
C CYS A 523 -17.01 4.00 6.52
N GLU A 524 -17.52 4.14 5.28
CA GLU A 524 -17.64 3.03 4.36
C GLU A 524 -16.30 2.40 4.03
N LEU A 525 -15.22 3.19 3.90
CA LEU A 525 -13.91 2.62 3.56
C LEU A 525 -13.42 1.67 4.69
N THR A 526 -13.59 2.07 5.97
CA THR A 526 -13.19 1.21 7.08
C THR A 526 -13.97 -0.09 7.06
N LYS A 527 -15.30 -0.02 6.89
CA LYS A 527 -16.14 -1.22 6.84
C LYS A 527 -15.74 -2.11 5.67
N PHE A 528 -15.49 -1.50 4.50
CA PHE A 528 -15.04 -2.25 3.33
C PHE A 528 -13.75 -3.04 3.59
N LEU A 529 -12.71 -2.35 4.06
CA LEU A 529 -11.41 -2.93 4.36
C LEU A 529 -11.53 -4.02 5.42
N LEU A 530 -12.33 -3.78 6.48
CA LEU A 530 -12.53 -4.80 7.52
C LEU A 530 -13.22 -6.06 6.97
N GLY A 531 -14.28 -5.87 6.18
CA GLY A 531 -15.02 -6.99 5.58
C GLY A 531 -14.13 -7.80 4.64
N ARG A 532 -13.34 -7.13 3.80
CA ARG A 532 -12.44 -7.86 2.90
C ARG A 532 -11.30 -8.58 3.65
N ALA A 533 -10.79 -7.96 4.73
CA ALA A 533 -9.71 -8.50 5.58
C ALA A 533 -10.18 -9.76 6.33
N LEU A 534 -11.46 -9.76 6.75
CA LEU A 534 -12.02 -10.88 7.50
C LEU A 534 -12.42 -12.05 6.59
N ALA A 535 -12.50 -11.80 5.29
CA ALA A 535 -12.83 -12.82 4.29
C ALA A 535 -11.59 -13.34 3.56
N ASN A 536 -10.40 -12.74 3.83
CA ASN A 536 -9.16 -13.17 3.16
C ASN A 536 -8.02 -12.93 4.15
N ARG A 537 -7.43 -14.02 4.67
CA ARG A 537 -6.39 -13.95 5.71
C ARG A 537 -5.14 -13.17 5.27
N LYS A 538 -4.76 -13.22 3.98
CA LYS A 538 -3.59 -12.48 3.48
C LYS A 538 -3.89 -10.99 3.48
N ILE A 539 -5.11 -10.59 3.04
CA ILE A 539 -5.53 -9.17 3.15
C ILE A 539 -5.51 -8.73 4.62
N GLY A 540 -6.09 -9.56 5.51
CA GLY A 540 -6.13 -9.28 6.95
C GLY A 540 -4.72 -9.08 7.51
N HIS A 541 -3.79 -9.94 7.11
CA HIS A 541 -2.37 -9.85 7.53
C HIS A 541 -1.77 -8.46 7.15
N PHE A 542 -1.89 -8.07 5.89
CA PHE A 542 -1.26 -6.81 5.47
C PHE A 542 -2.02 -5.58 5.94
N LEU A 543 -3.34 -5.68 6.10
CA LEU A 543 -4.08 -4.56 6.69
C LEU A 543 -3.56 -4.33 8.11
N PHE A 544 -3.45 -5.43 8.88
CA PHE A 544 -2.92 -5.32 10.24
C PHE A 544 -1.55 -4.59 10.25
N TRP A 545 -0.57 -5.08 9.46
CA TRP A 545 0.79 -4.50 9.49
C TRP A 545 0.88 -3.05 9.00
N HIS A 546 0.08 -2.67 8.02
CA HIS A 546 0.06 -1.29 7.53
C HIS A 546 -0.47 -0.37 8.64
N LEU A 547 -1.45 -0.81 9.41
CA LEU A 547 -1.99 -0.02 10.53
C LEU A 547 -1.02 -0.02 11.70
N ARG A 548 -0.53 -1.20 12.09
CA ARG A 548 0.34 -1.36 13.26
C ARG A 548 1.64 -0.55 13.12
N SER A 549 2.17 -0.49 11.91
CA SER A 549 3.45 0.18 11.64
C SER A 549 3.35 1.72 11.81
N GLU A 550 2.12 2.26 11.97
CA GLU A 550 1.93 3.70 12.14
C GLU A 550 1.33 4.06 13.48
N MET A 551 1.37 3.14 14.46
CA MET A 551 0.83 3.42 15.80
C MET A 551 1.64 4.44 16.58
N HIS A 552 2.90 4.69 16.18
CA HIS A 552 3.77 5.70 16.84
C HIS A 552 3.45 7.11 16.35
N VAL A 553 2.54 7.25 15.35
CA VAL A 553 2.12 8.51 14.74
C VAL A 553 0.83 8.98 15.48
N PRO A 554 0.94 10.03 16.36
CA PRO A 554 -0.24 10.44 17.16
C PRO A 554 -1.53 10.74 16.38
N SER A 555 -1.43 11.34 15.19
CA SER A 555 -2.60 11.69 14.38
C SER A 555 -3.40 10.48 13.87
N VAL A 556 -2.80 9.29 13.84
CA VAL A 556 -3.54 8.11 13.36
C VAL A 556 -3.68 6.99 14.40
N ALA A 557 -2.96 7.07 15.56
CA ALA A 557 -2.95 5.98 16.55
C ALA A 557 -4.37 5.60 17.02
N LEU A 558 -5.26 6.59 17.22
CA LEU A 558 -6.63 6.29 17.64
C LEU A 558 -7.40 5.53 16.55
N ARG A 559 -7.53 6.11 15.37
CA ARG A 559 -8.23 5.51 14.26
C ARG A 559 -7.64 4.10 13.99
N PHE A 560 -6.30 4.03 13.81
CA PHE A 560 -5.66 2.73 13.46
C PHE A 560 -5.80 1.70 14.56
N GLY A 561 -5.64 2.14 15.81
CA GLY A 561 -5.83 1.29 16.97
C GLY A 561 -7.22 0.68 17.02
N LEU A 562 -8.26 1.50 16.76
CA LEU A 562 -9.65 1.04 16.76
C LEU A 562 -9.93 0.02 15.63
N ILE A 563 -9.37 0.23 14.45
CA ILE A 563 -9.55 -0.72 13.33
C ILE A 563 -8.88 -2.06 13.69
N MET A 564 -7.67 -2.02 14.26
CA MET A 564 -6.96 -3.26 14.62
C MET A 564 -7.70 -4.03 15.71
N GLU A 565 -8.30 -3.32 16.70
CA GLU A 565 -9.10 -3.97 17.75
C GLU A 565 -10.29 -4.71 17.12
N ALA A 566 -11.03 -4.04 16.21
CA ALA A 566 -12.21 -4.58 15.56
C ALA A 566 -11.80 -5.81 14.79
N TYR A 567 -10.68 -5.75 14.03
CA TYR A 567 -10.17 -6.88 13.28
C TYR A 567 -9.94 -8.09 14.19
N CYS A 568 -9.26 -7.88 15.33
CA CYS A 568 -9.01 -8.90 16.34
C CYS A 568 -10.29 -9.54 16.89
N ARG A 569 -11.38 -8.77 17.04
CA ARG A 569 -12.69 -9.29 17.46
C ARG A 569 -13.20 -10.31 16.45
N GLY A 570 -12.92 -10.05 15.17
CA GLY A 570 -13.27 -10.91 14.05
C GLY A 570 -12.37 -12.12 13.84
N SER A 571 -11.19 -12.20 14.50
CA SER A 571 -10.29 -13.40 14.38
C SER A 571 -9.30 -13.47 15.49
N THR A 572 -9.70 -14.13 16.54
CA THR A 572 -8.95 -14.37 17.77
C THR A 572 -7.70 -15.16 17.43
N HIS A 573 -7.81 -16.15 16.55
CA HIS A 573 -6.69 -16.99 16.17
C HIS A 573 -5.62 -16.20 15.42
N HIS A 574 -6.04 -15.36 14.45
CA HIS A 574 -5.09 -14.56 13.70
C HIS A 574 -4.41 -13.53 14.61
N MET A 575 -5.15 -12.99 15.62
CA MET A 575 -4.55 -12.11 16.61
C MET A 575 -3.35 -12.80 17.29
N LYS A 576 -3.49 -14.08 17.66
CA LYS A 576 -2.41 -14.84 18.31
C LYS A 576 -1.25 -15.10 17.36
N VAL A 577 -1.56 -15.37 16.08
CA VAL A 577 -0.55 -15.58 15.01
C VAL A 577 0.28 -14.30 14.87
N LEU A 578 -0.40 -13.14 14.85
CA LEU A 578 0.25 -11.82 14.74
C LEU A 578 1.02 -11.46 16.00
N MET A 579 0.54 -11.90 17.18
CA MET A 579 1.26 -11.69 18.42
C MET A 579 2.63 -12.42 18.38
N LYS A 580 2.66 -13.62 17.83
CA LYS A 580 3.88 -14.40 17.72
C LYS A 580 4.88 -13.62 16.82
N GLN A 581 4.38 -12.98 15.72
CA GLN A 581 5.23 -12.12 14.88
C GLN A 581 5.77 -10.90 15.65
N GLY A 582 4.91 -10.24 16.44
CA GLY A 582 5.30 -9.10 17.27
C GLY A 582 6.39 -9.46 18.31
N GLU A 583 6.31 -10.69 18.86
CA GLU A 583 7.28 -11.16 19.86
C GLU A 583 8.63 -11.37 19.19
N ALA A 584 8.64 -11.87 17.96
CA ALA A 584 9.90 -12.05 17.23
C ALA A 584 10.49 -10.67 16.93
N LEU A 585 9.64 -9.69 16.55
CA LEU A 585 10.09 -8.35 16.23
C LEU A 585 10.65 -7.60 17.42
N SER A 586 10.08 -7.86 18.61
CA SER A 586 10.52 -7.27 19.87
C SER A 586 11.94 -7.78 20.16
N LYS A 587 12.15 -9.09 20.03
CA LYS A 587 13.46 -9.72 20.22
C LYS A 587 14.49 -9.19 19.19
N LEU A 588 14.07 -9.00 17.92
CA LEU A 588 15.01 -8.50 16.92
C LEU A 588 15.49 -7.08 17.22
N LYS A 589 14.61 -6.26 17.73
CA LYS A 589 14.94 -4.87 18.10
C LYS A 589 15.96 -4.86 19.23
N ALA A 590 15.75 -5.69 20.26
CA ALA A 590 16.67 -5.78 21.39
C ALA A 590 18.03 -6.29 20.90
N LEU A 591 18.02 -7.34 20.05
CA LEU A 591 19.24 -7.90 19.44
C LEU A 591 19.97 -6.84 18.60
N ASN A 592 19.22 -6.09 17.76
CA ASN A 592 19.82 -5.04 16.91
C ASN A 592 20.44 -3.90 17.72
N ASP A 593 19.80 -3.51 18.84
CA ASP A 593 20.33 -2.46 19.74
C ASP A 593 21.68 -2.93 20.29
N PHE A 594 21.78 -4.22 20.67
CA PHE A 594 23.03 -4.79 21.14
C PHE A 594 24.13 -4.68 20.06
N VAL A 595 23.82 -5.14 18.85
CA VAL A 595 24.75 -5.17 17.72
C VAL A 595 25.25 -3.73 17.40
N LYS A 596 24.36 -2.74 17.44
CA LYS A 596 24.69 -1.33 17.19
C LYS A 596 25.78 -0.87 18.18
N VAL A 597 25.59 -1.16 19.49
CA VAL A 597 26.53 -0.83 20.58
C VAL A 597 27.86 -1.58 20.40
N SER A 598 27.81 -2.91 20.30
CA SER A 598 28.98 -3.76 20.16
C SER A 598 29.86 -3.43 18.93
N SER A 599 29.22 -3.14 17.78
CA SER A 599 29.92 -2.82 16.52
C SER A 599 30.87 -1.61 16.62
N GLN A 600 30.67 -0.75 17.62
CA GLN A 600 31.50 0.44 17.83
C GLN A 600 32.66 0.17 18.81
N LYS A 601 32.58 -0.94 19.57
CA LYS A 601 33.55 -1.30 20.60
C LYS A 601 34.49 -2.46 20.26
N THR A 602 34.07 -3.41 19.41
CA THR A 602 34.90 -4.59 19.12
C THR A 602 34.89 -4.97 17.61
N THR A 603 35.58 -6.09 17.26
CA THR A 603 35.69 -6.59 15.88
C THR A 603 34.38 -7.27 15.45
N LYS A 604 34.13 -7.37 14.13
CA LYS A 604 32.94 -8.00 13.56
C LYS A 604 32.81 -9.47 13.98
N PRO A 605 33.88 -10.33 13.90
CA PRO A 605 33.72 -11.72 14.36
C PRO A 605 33.29 -11.81 15.82
N GLN A 606 33.72 -10.83 16.64
CA GLN A 606 33.37 -10.74 18.06
C GLN A 606 31.89 -10.37 18.25
N THR A 607 31.43 -9.32 17.56
CA THR A 607 30.02 -8.92 17.64
C THR A 607 29.13 -10.06 17.12
N LYS A 608 29.57 -10.74 16.04
CA LYS A 608 28.80 -11.83 15.45
C LYS A 608 28.69 -13.00 16.44
N GLU A 609 29.78 -13.41 17.12
CA GLU A 609 29.68 -14.47 18.10
C GLU A 609 28.81 -14.07 19.31
N MET A 610 28.87 -12.79 19.73
CA MET A 610 28.05 -12.29 20.85
C MET A 610 26.55 -12.26 20.44
N MET A 611 26.27 -11.85 19.21
CA MET A 611 24.91 -11.87 18.64
C MET A 611 24.40 -13.34 18.69
N HIS A 612 25.23 -14.29 18.28
CA HIS A 612 24.93 -15.73 18.29
C HIS A 612 24.63 -16.27 19.68
N MET A 613 25.42 -15.84 20.70
CA MET A 613 25.20 -16.26 22.07
C MET A 613 23.88 -15.71 22.57
N CYS A 614 23.58 -14.46 22.22
CA CYS A 614 22.30 -13.90 22.61
C CYS A 614 21.14 -14.68 21.97
N MET A 615 21.25 -15.02 20.66
CA MET A 615 20.18 -15.76 19.97
C MET A 615 19.95 -17.16 20.50
N ARG A 616 21.02 -17.78 21.04
CA ARG A 616 20.96 -19.15 21.57
C ARG A 616 20.30 -19.22 22.94
N GLN A 617 19.96 -18.09 23.54
CA GLN A 617 19.21 -18.00 24.79
C GLN A 617 17.82 -18.57 24.50
N GLU A 618 17.27 -19.37 25.47
CA GLU A 618 15.96 -20.02 25.33
C GLU A 618 14.84 -19.05 24.97
N THR A 619 14.79 -17.87 25.58
CA THR A 619 13.77 -16.86 25.24
C THR A 619 13.88 -16.40 23.78
N TYR A 620 15.10 -16.26 23.23
CA TYR A 620 15.28 -15.84 21.84
C TYR A 620 14.97 -16.97 20.88
N MET A 621 15.48 -18.18 21.14
CA MET A 621 15.22 -19.34 20.29
C MET A 621 13.71 -19.58 20.14
N GLU A 622 12.96 -19.45 21.22
CA GLU A 622 11.50 -19.64 21.23
C GLU A 622 10.80 -18.51 20.47
N ALA A 623 11.14 -17.26 20.79
CA ALA A 623 10.52 -16.11 20.12
C ALA A 623 10.82 -16.01 18.62
N LEU A 624 12.05 -16.31 18.20
CA LEU A 624 12.44 -16.19 16.80
C LEU A 624 12.06 -17.37 15.91
N SER A 625 11.61 -18.49 16.47
CA SER A 625 11.29 -19.67 15.66
C SER A 625 9.79 -19.90 15.48
N HIS A 626 9.41 -20.63 14.41
CA HIS A 626 8.04 -21.09 14.16
C HIS A 626 7.02 -19.95 14.10
N LEU A 627 7.20 -19.07 13.15
CA LEU A 627 6.25 -17.98 12.94
C LEU A 627 5.96 -17.83 11.46
N GLN A 628 4.85 -17.19 11.13
CA GLN A 628 4.59 -16.84 9.76
C GLN A 628 5.37 -15.58 9.51
N SER A 629 5.93 -15.45 8.31
CA SER A 629 6.69 -14.25 8.00
C SER A 629 5.81 -13.02 7.88
N PRO A 630 6.16 -11.89 8.55
CA PRO A 630 5.39 -10.65 8.31
C PRO A 630 5.49 -10.20 6.85
N LEU A 631 6.62 -10.57 6.16
CA LEU A 631 6.74 -10.19 4.75
C LEU A 631 5.76 -10.95 3.85
N ASP A 632 5.38 -12.18 4.25
CA ASP A 632 4.54 -13.01 3.40
C ASP A 632 3.96 -14.10 4.30
N PRO A 633 2.67 -14.08 4.65
CA PRO A 633 2.13 -15.13 5.56
C PRO A 633 2.18 -16.55 4.98
N SER A 634 2.41 -16.69 3.68
CA SER A 634 2.57 -18.03 3.06
C SER A 634 3.93 -18.63 3.43
N THR A 635 4.92 -17.77 3.74
CA THR A 635 6.26 -18.23 4.10
C THR A 635 6.31 -18.53 5.59
N LEU A 636 6.72 -19.73 5.96
CA LEU A 636 6.86 -20.13 7.36
C LEU A 636 8.34 -20.02 7.72
N LEU A 637 8.63 -19.35 8.84
CA LEU A 637 9.99 -19.21 9.32
C LEU A 637 10.13 -20.22 10.45
N GLU A 638 10.73 -21.38 10.15
CA GLU A 638 10.70 -22.45 11.11
C GLU A 638 11.85 -22.38 12.10
N GLU A 639 12.98 -23.04 11.82
CA GLU A 639 14.11 -23.06 12.76
C GLU A 639 15.08 -21.97 12.40
N VAL A 640 15.36 -21.06 13.34
CA VAL A 640 16.35 -20.01 13.10
C VAL A 640 17.73 -20.70 13.01
N CYS A 641 18.51 -20.40 11.95
CA CYS A 641 19.84 -20.97 11.75
C CYS A 641 20.82 -19.98 12.29
N VAL A 642 21.01 -19.99 13.61
CA VAL A 642 21.87 -19.05 14.32
C VAL A 642 23.27 -18.91 13.66
N GLU A 643 23.92 -20.05 13.31
CA GLU A 643 25.27 -20.02 12.73
C GLU A 643 25.39 -19.12 11.49
N GLN A 644 24.31 -19.08 10.70
CA GLN A 644 24.21 -18.31 9.46
C GLN A 644 23.69 -16.88 9.67
N CYS A 645 23.33 -16.52 10.89
CA CYS A 645 22.85 -15.15 11.12
C CYS A 645 24.02 -14.20 11.27
N THR A 646 23.85 -13.00 10.78
CA THR A 646 24.89 -11.99 10.90
C THR A 646 24.24 -10.63 10.88
N PHE A 647 25.04 -9.60 10.64
CA PHE A 647 24.60 -8.22 10.49
C PHE A 647 25.46 -7.57 9.40
N MET A 648 24.92 -6.50 8.80
CA MET A 648 25.55 -5.73 7.74
C MET A 648 26.25 -4.50 8.26
N ASP A 649 27.30 -4.09 7.53
CA ASP A 649 28.22 -3.02 7.90
C ASP A 649 27.68 -1.59 7.74
N SER A 650 26.53 -1.41 7.05
CA SER A 650 25.92 -0.10 6.87
C SER A 650 25.54 0.54 8.23
N LYS A 651 25.26 1.86 8.22
CA LYS A 651 24.97 2.72 9.38
C LYS A 651 24.12 2.07 10.50
N MET A 652 22.94 1.52 10.16
CA MET A 652 21.99 0.97 11.14
C MET A 652 22.30 -0.45 11.57
N LYS A 653 23.37 -1.04 11.02
CA LYS A 653 23.80 -2.42 11.31
C LYS A 653 22.59 -3.40 11.18
N PRO A 654 21.89 -3.44 10.04
CA PRO A 654 20.73 -4.34 9.94
C PRO A 654 21.08 -5.80 10.13
N LEU A 655 20.20 -6.57 10.77
CA LEU A 655 20.41 -8.00 11.03
C LEU A 655 20.03 -8.84 9.84
N TRP A 656 20.79 -9.88 9.56
CA TRP A 656 20.57 -10.81 8.46
C TRP A 656 20.22 -12.11 9.16
N ILE A 657 18.93 -12.49 9.15
CA ILE A 657 18.43 -13.66 9.87
C ILE A 657 18.07 -14.78 8.92
N MET A 658 18.66 -15.96 9.11
CA MET A 658 18.40 -17.11 8.24
C MET A 658 17.58 -18.15 8.95
N TYR A 659 16.71 -18.82 8.19
CA TYR A 659 15.83 -19.88 8.65
C TYR A 659 15.97 -21.12 7.79
N SER A 660 15.60 -22.27 8.35
CA SER A 660 15.52 -23.53 7.60
C SER A 660 14.29 -24.27 8.08
N SER A 661 13.81 -25.20 7.25
CA SER A 661 12.62 -25.98 7.53
C SER A 661 12.75 -27.32 6.85
N GLU A 662 12.88 -28.40 7.64
CA GLU A 662 12.98 -29.77 7.13
C GLU A 662 11.81 -30.06 6.16
N GLU A 663 10.55 -29.82 6.60
CA GLU A 663 9.32 -30.06 5.85
C GLU A 663 9.26 -29.36 4.48
N ALA A 664 9.81 -28.14 4.39
CA ALA A 664 9.82 -27.40 3.13
C ALA A 664 11.03 -27.76 2.24
N GLY A 665 12.02 -28.46 2.80
CA GLY A 665 13.27 -28.79 2.11
C GLY A 665 14.00 -27.51 1.74
N SER A 666 14.63 -27.47 0.55
CA SER A 666 15.33 -26.27 0.05
C SER A 666 14.50 -24.97 0.02
N ALA A 667 13.17 -25.06 -0.20
CA ALA A 667 12.28 -23.90 -0.24
C ALA A 667 12.11 -23.27 1.14
N GLY A 668 12.45 -24.03 2.19
CA GLY A 668 12.38 -23.60 3.58
C GLY A 668 13.53 -22.72 4.02
N ASN A 669 14.58 -22.64 3.17
CA ASN A 669 15.80 -21.87 3.38
C ASN A 669 15.48 -20.46 2.96
N VAL A 670 15.17 -19.61 3.94
CA VAL A 670 14.73 -18.26 3.67
C VAL A 670 15.42 -17.32 4.63
N GLY A 671 15.57 -16.09 4.21
CA GLY A 671 16.19 -15.08 5.03
C GLY A 671 15.34 -13.83 5.12
N ILE A 672 15.54 -13.11 6.22
CA ILE A 672 14.91 -11.82 6.46
C ILE A 672 15.97 -10.87 6.96
N ILE A 673 15.82 -9.61 6.59
CA ILE A 673 16.72 -8.58 7.10
C ILE A 673 15.86 -7.73 8.01
N PHE A 674 16.32 -7.46 9.25
CA PHE A 674 15.56 -6.58 10.14
C PHE A 674 16.37 -5.28 10.17
N LYS A 675 15.70 -4.17 9.90
CA LYS A 675 16.39 -2.88 9.91
C LYS A 675 15.65 -1.89 10.81
N ASN A 676 16.39 -1.25 11.70
CA ASN A 676 15.83 -0.28 12.64
C ASN A 676 16.68 0.99 12.60
N GLY A 677 16.01 2.11 12.32
CA GLY A 677 16.68 3.41 12.22
C GLY A 677 16.32 4.17 10.96
N ASP A 678 15.83 3.44 9.92
CA ASP A 678 15.40 4.01 8.63
C ASP A 678 13.90 3.89 8.40
N ASP A 679 13.30 4.90 7.76
CA ASP A 679 11.89 4.88 7.47
C ASP A 679 11.80 4.06 6.15
N LEU A 680 11.14 2.85 6.19
CA LEU A 680 11.07 1.96 5.02
C LEU A 680 9.84 2.17 4.11
N ARG A 681 8.96 3.11 4.44
CA ARG A 681 7.72 3.34 3.68
C ARG A 681 7.93 3.66 2.20
N GLN A 682 8.93 4.49 1.88
CA GLN A 682 9.15 4.85 0.45
C GLN A 682 9.74 3.66 -0.32
N ASP A 683 10.59 2.84 0.33
CA ASP A 683 11.13 1.61 -0.28
C ASP A 683 10.00 0.70 -0.60
N MET A 684 9.07 0.48 0.36
CA MET A 684 7.93 -0.41 0.12
C MET A 684 7.10 0.11 -1.05
N LEU A 685 6.81 1.40 -1.07
CA LEU A 685 6.03 1.98 -2.18
C LEU A 685 6.74 1.78 -3.51
N THR A 686 8.05 2.08 -3.57
CA THR A 686 8.82 1.89 -4.82
C THR A 686 8.74 0.42 -5.29
N LEU A 687 8.99 -0.51 -4.37
CA LEU A 687 8.91 -1.94 -4.71
C LEU A 687 7.52 -2.38 -5.15
N GLN A 688 6.47 -1.89 -4.48
CA GLN A 688 5.10 -2.25 -4.89
C GLN A 688 4.81 -1.70 -6.29
N MET A 689 5.32 -0.49 -6.64
CA MET A 689 5.12 0.11 -7.99
C MET A 689 5.85 -0.72 -9.05
N ILE A 690 7.05 -1.22 -8.71
CA ILE A 690 7.81 -2.09 -9.59
C ILE A 690 7.06 -3.40 -9.76
N GLN A 691 6.50 -3.96 -8.69
CA GLN A 691 5.70 -5.19 -8.79
C GLN A 691 4.47 -4.99 -9.67
N LEU A 692 3.83 -3.82 -9.57
CA LEU A 692 2.67 -3.50 -10.42
C LEU A 692 3.12 -3.45 -11.87
N MET A 693 4.32 -2.86 -12.14
CA MET A 693 4.82 -2.84 -13.51
C MET A 693 4.97 -4.25 -14.03
N ASP A 694 5.56 -5.14 -13.21
CA ASP A 694 5.74 -6.54 -13.57
C ASP A 694 4.39 -7.22 -13.91
N VAL A 695 3.33 -6.96 -13.10
CA VAL A 695 1.96 -7.51 -13.37
C VAL A 695 1.44 -7.01 -14.72
N LEU A 696 1.55 -5.68 -14.95
CA LEU A 696 1.06 -5.07 -16.20
C LEU A 696 1.80 -5.58 -17.41
N TRP A 697 3.12 -5.77 -17.28
CA TRP A 697 3.90 -6.34 -18.38
C TRP A 697 3.45 -7.78 -18.64
N LYS A 698 3.31 -8.59 -17.56
CA LYS A 698 2.94 -10.01 -17.69
C LYS A 698 1.54 -10.17 -18.30
N GLN A 699 0.65 -9.24 -17.98
CA GLN A 699 -0.72 -9.24 -18.57
C GLN A 699 -0.68 -9.05 -20.09
N GLU A 700 0.42 -8.45 -20.65
CA GLU A 700 0.62 -8.29 -22.11
C GLU A 700 1.60 -9.36 -22.65
N GLY A 701 1.83 -10.39 -21.85
CA GLY A 701 2.71 -11.50 -22.20
C GLY A 701 4.19 -11.20 -22.14
N LEU A 702 4.58 -10.09 -21.45
CA LEU A 702 5.98 -9.70 -21.32
C LEU A 702 6.50 -9.99 -19.93
N ASP A 703 7.39 -10.98 -19.82
CA ASP A 703 8.00 -11.34 -18.54
C ASP A 703 9.46 -10.81 -18.54
N LEU A 704 9.70 -9.71 -17.83
CA LEU A 704 11.02 -9.13 -17.78
C LEU A 704 11.87 -9.65 -16.61
N ARG A 705 11.49 -10.79 -16.03
CA ARG A 705 12.28 -11.52 -15.00
C ARG A 705 12.69 -10.61 -13.85
N MET A 706 11.69 -9.87 -13.33
CA MET A 706 11.90 -8.91 -12.24
C MET A 706 12.03 -9.64 -10.91
N THR A 707 12.48 -8.94 -9.87
CA THR A 707 12.66 -9.53 -8.54
C THR A 707 11.91 -8.65 -7.56
N PRO A 708 10.58 -8.83 -7.46
CA PRO A 708 9.80 -7.99 -6.56
C PRO A 708 9.87 -8.52 -5.11
N TYR A 709 11.02 -8.34 -4.46
CA TYR A 709 11.22 -8.88 -3.09
C TYR A 709 10.41 -8.08 -2.04
N GLY A 710 10.06 -8.73 -0.95
CA GLY A 710 9.26 -8.11 0.11
C GLY A 710 9.99 -7.02 0.87
N CYS A 711 9.24 -5.98 1.25
CA CYS A 711 9.75 -4.93 2.11
C CYS A 711 8.56 -4.44 2.90
N LEU A 712 8.66 -4.46 4.23
CA LEU A 712 7.51 -4.10 5.05
C LEU A 712 7.86 -3.32 6.29
N PRO A 713 7.40 -2.05 6.41
CA PRO A 713 7.56 -1.32 7.70
C PRO A 713 6.68 -2.07 8.70
N THR A 714 7.16 -2.25 9.92
CA THR A 714 6.42 -2.95 11.00
C THR A 714 6.26 -2.05 12.23
N GLY A 715 7.03 -0.96 12.28
CA GLY A 715 7.00 -0.07 13.44
C GLY A 715 7.70 1.24 13.16
N ASP A 716 7.96 2.00 14.23
CA ASP A 716 8.64 3.29 14.11
C ASP A 716 10.06 3.09 13.55
N ARG A 717 10.30 3.55 12.30
CA ARG A 717 11.60 3.41 11.60
C ARG A 717 12.10 1.98 11.70
N THR A 718 11.18 1.01 11.56
CA THR A 718 11.53 -0.41 11.72
C THR A 718 10.81 -1.16 10.63
N GLY A 719 11.44 -2.23 10.15
CA GLY A 719 10.82 -3.08 9.14
C GLY A 719 11.69 -4.24 8.73
N LEU A 720 11.14 -5.07 7.86
CA LEU A 720 11.81 -6.25 7.34
C LEU A 720 11.96 -6.10 5.86
N ILE A 721 12.99 -6.77 5.32
CA ILE A 721 13.28 -6.86 3.89
C ILE A 721 13.53 -8.34 3.60
N GLU A 722 12.92 -8.85 2.52
CA GLU A 722 13.12 -10.26 2.15
C GLU A 722 14.51 -10.47 1.56
N VAL A 723 15.20 -11.54 2.02
CA VAL A 723 16.53 -11.85 1.46
C VAL A 723 16.32 -12.60 0.16
N VAL A 724 17.02 -12.17 -0.90
CA VAL A 724 17.06 -12.86 -2.20
C VAL A 724 18.35 -13.70 -2.12
N LEU A 725 18.21 -15.00 -1.93
CA LEU A 725 19.41 -15.82 -1.80
C LEU A 725 20.11 -15.99 -3.16
N HIS A 726 21.35 -16.46 -3.18
CA HIS A 726 22.12 -16.70 -4.41
C HIS A 726 22.21 -15.41 -5.26
N SER A 727 22.47 -14.29 -4.60
CA SER A 727 22.61 -13.00 -5.22
C SER A 727 23.79 -12.25 -4.62
N ASP A 728 24.35 -11.31 -5.39
CA ASP A 728 25.46 -10.49 -4.88
C ASP A 728 25.37 -9.09 -5.46
N THR A 729 26.03 -8.11 -4.84
CA THR A 729 25.98 -6.76 -5.39
C THR A 729 26.95 -6.71 -6.56
N ILE A 730 26.68 -5.79 -7.52
CA ILE A 730 27.59 -5.53 -8.65
C ILE A 730 28.95 -5.10 -8.09
N ALA A 731 28.94 -4.24 -7.04
CA ALA A 731 30.19 -3.78 -6.40
C ALA A 731 31.09 -4.95 -5.99
N ASN A 732 30.51 -5.95 -5.30
CA ASN A 732 31.26 -7.13 -4.83
C ASN A 732 31.84 -7.93 -5.96
N ILE A 733 31.06 -8.12 -7.03
CA ILE A 733 31.54 -8.84 -8.21
C ILE A 733 32.64 -8.02 -8.92
N GLN A 734 32.49 -6.69 -9.00
CA GLN A 734 33.50 -5.85 -9.67
C GLN A 734 34.78 -5.65 -8.87
N LEU A 735 34.83 -6.07 -7.59
CA LEU A 735 36.05 -6.00 -6.78
C LEU A 735 37.10 -6.83 -7.47
N ASN A 736 36.68 -7.81 -8.31
CA ASN A 736 37.58 -8.62 -9.13
C ASN A 736 38.70 -9.25 -8.29
N LYS A 737 38.29 -9.91 -7.18
CA LYS A 737 39.21 -10.57 -6.24
C LYS A 737 39.99 -11.68 -6.94
N SER A 738 41.22 -11.91 -6.48
CA SER A 738 42.08 -12.96 -7.04
C SER A 738 41.64 -14.34 -6.51
N ASN A 739 42.07 -15.41 -7.20
CA ASN A 739 41.80 -16.82 -6.88
C ASN A 739 40.30 -17.10 -6.73
N MET A 740 39.52 -16.60 -7.70
CA MET A 740 38.07 -16.76 -7.79
C MET A 740 37.79 -17.24 -9.22
N ALA A 741 36.66 -17.94 -9.44
CA ALA A 741 36.31 -18.43 -10.78
C ALA A 741 36.05 -17.26 -11.77
N ALA A 742 35.60 -16.10 -11.26
CA ALA A 742 35.32 -14.88 -12.02
C ALA A 742 36.54 -13.93 -12.31
N THR A 743 37.72 -14.17 -11.68
CA THR A 743 38.92 -13.32 -11.86
C THR A 743 39.13 -12.93 -13.35
N ALA A 744 39.35 -11.62 -13.65
CA ALA A 744 39.44 -11.13 -15.03
C ALA A 744 40.69 -10.34 -15.44
N ALA A 745 41.01 -10.37 -16.75
CA ALA A 745 42.08 -9.64 -17.44
C ALA A 745 41.73 -8.16 -17.56
N PHE A 746 40.42 -7.86 -17.70
CA PHE A 746 39.82 -6.54 -17.80
C PHE A 746 38.64 -6.47 -16.86
N ASN A 747 38.53 -5.39 -16.06
CA ASN A 747 37.43 -5.25 -15.09
C ASN A 747 36.04 -5.40 -15.77
N LYS A 748 35.89 -4.95 -17.03
CA LYS A 748 34.64 -5.09 -17.79
C LYS A 748 34.22 -6.57 -17.99
N ASP A 749 35.20 -7.52 -17.89
CA ASP A 749 34.95 -8.96 -18.05
C ASP A 749 34.36 -9.57 -16.76
N ALA A 750 34.56 -8.93 -15.57
CA ALA A 750 34.17 -9.49 -14.26
C ALA A 750 32.72 -10.01 -14.16
N LEU A 751 31.74 -9.20 -14.56
CA LEU A 751 30.32 -9.59 -14.42
C LEU A 751 30.00 -10.82 -15.30
N LEU A 752 30.45 -10.81 -16.54
CA LEU A 752 30.26 -11.91 -17.47
C LEU A 752 31.01 -13.16 -16.99
N ASN A 753 32.22 -13.01 -16.48
CA ASN A 753 32.98 -14.16 -15.94
C ASN A 753 32.24 -14.73 -14.73
N TRP A 754 31.64 -13.87 -13.90
CA TRP A 754 30.88 -14.32 -12.73
C TRP A 754 29.68 -15.11 -13.24
N LEU A 755 28.97 -14.60 -14.25
CA LEU A 755 27.79 -15.29 -14.80
C LEU A 755 28.15 -16.65 -15.42
N LYS A 756 29.30 -16.73 -16.11
CA LYS A 756 29.82 -17.95 -16.73
C LYS A 756 30.11 -19.01 -15.65
N SER A 757 30.70 -18.60 -14.53
CA SER A 757 31.01 -19.49 -13.40
C SER A 757 29.74 -20.05 -12.72
N LYS A 758 28.64 -19.30 -12.73
CA LYS A 758 27.41 -19.76 -12.09
C LYS A 758 26.56 -20.55 -13.08
N ASN A 759 26.84 -20.35 -14.38
CA ASN A 759 26.04 -20.94 -15.46
C ASN A 759 26.95 -21.58 -16.51
N PRO A 760 27.64 -22.69 -16.19
CA PRO A 760 28.54 -23.28 -17.20
C PRO A 760 27.84 -23.91 -18.40
N GLY A 761 28.59 -24.02 -19.51
CA GLY A 761 28.14 -24.59 -20.78
C GLY A 761 26.93 -23.93 -21.40
N GLU A 762 25.88 -24.72 -21.66
CA GLU A 762 24.65 -24.26 -22.31
C GLU A 762 23.81 -23.29 -21.49
N ALA A 763 23.93 -23.34 -20.15
CA ALA A 763 23.18 -22.46 -19.24
C ALA A 763 23.54 -20.97 -19.38
N LEU A 764 24.73 -20.63 -19.90
CA LEU A 764 25.16 -19.23 -20.03
C LEU A 764 24.19 -18.39 -20.85
N ASP A 765 23.74 -18.91 -22.00
CA ASP A 765 22.80 -18.25 -22.89
C ASP A 765 21.53 -17.82 -22.16
N ARG A 766 20.96 -18.69 -21.31
CA ARG A 766 19.75 -18.36 -20.55
C ARG A 766 20.05 -17.23 -19.55
N ALA A 767 21.23 -17.29 -18.89
CA ALA A 767 21.60 -16.26 -17.90
C ALA A 767 21.74 -14.88 -18.54
N ILE A 768 22.39 -14.80 -19.70
CA ILE A 768 22.53 -13.52 -20.42
C ILE A 768 21.16 -12.97 -20.79
N GLU A 769 20.24 -13.87 -21.21
CA GLU A 769 18.87 -13.46 -21.52
C GLU A 769 18.12 -12.94 -20.29
N GLU A 770 18.23 -13.62 -19.12
CA GLU A 770 17.60 -13.19 -17.86
C GLU A 770 18.15 -11.79 -17.49
N PHE A 771 19.46 -11.60 -17.66
CA PHE A 771 20.15 -10.34 -17.37
C PHE A 771 19.60 -9.26 -18.27
N THR A 772 19.46 -9.55 -19.57
CA THR A 772 19.00 -8.57 -20.56
C THR A 772 17.56 -8.11 -20.27
N LEU A 773 16.64 -9.08 -20.06
CA LEU A 773 15.23 -8.78 -19.79
C LEU A 773 15.08 -7.96 -18.52
N SER A 774 15.76 -8.36 -17.43
CA SER A 774 15.68 -7.66 -16.15
C SER A 774 16.35 -6.27 -16.23
N CYS A 775 17.46 -6.18 -16.96
CA CYS A 775 18.07 -4.87 -17.19
C CYS A 775 17.08 -3.93 -17.87
N ALA A 776 16.34 -4.42 -18.88
CA ALA A 776 15.33 -3.61 -19.55
C ALA A 776 14.22 -3.18 -18.58
N GLY A 777 13.71 -4.13 -17.78
CA GLY A 777 12.67 -3.83 -16.80
C GLY A 777 13.09 -2.77 -15.81
N TYR A 778 14.31 -2.89 -15.24
CA TYR A 778 14.82 -1.97 -14.23
C TYR A 778 15.22 -0.65 -14.86
N CYS A 779 15.72 -0.65 -16.10
CA CYS A 779 16.02 0.60 -16.80
C CYS A 779 14.70 1.43 -16.94
N VAL A 780 13.61 0.77 -17.38
CA VAL A 780 12.32 1.47 -17.55
C VAL A 780 11.77 1.86 -16.20
N ALA A 781 11.84 0.95 -15.22
CA ALA A 781 11.28 1.23 -13.88
C ALA A 781 11.98 2.42 -13.23
N THR A 782 13.32 2.48 -13.28
CA THR A 782 14.05 3.59 -12.63
C THR A 782 13.83 4.93 -13.33
N TYR A 783 13.71 4.92 -14.68
CA TYR A 783 13.40 6.12 -15.46
C TYR A 783 11.97 6.64 -15.15
N VAL A 784 10.95 5.77 -15.23
CA VAL A 784 9.57 6.16 -14.96
C VAL A 784 9.42 6.71 -13.52
N LEU A 785 10.04 6.03 -12.56
CA LEU A 785 9.91 6.42 -11.16
C LEU A 785 10.93 7.46 -10.72
N GLY A 786 11.87 7.80 -11.59
CA GLY A 786 12.93 8.76 -11.30
C GLY A 786 13.83 8.30 -10.15
N ILE A 787 14.18 7.00 -10.13
CA ILE A 787 15.03 6.41 -9.08
C ILE A 787 16.45 6.90 -9.32
N GLY A 788 16.97 7.65 -8.37
CA GLY A 788 18.30 8.23 -8.47
C GLY A 788 19.27 7.55 -7.53
N ASP A 789 20.48 8.11 -7.43
CA ASP A 789 21.54 7.62 -6.53
C ASP A 789 21.83 6.12 -6.80
N ARG A 790 21.94 5.76 -8.11
CA ARG A 790 22.21 4.39 -8.54
C ARG A 790 23.70 4.13 -8.77
N HIS A 791 24.25 3.21 -7.98
CA HIS A 791 25.65 2.81 -8.08
C HIS A 791 25.78 1.30 -7.94
N SER A 792 27.02 0.78 -8.07
CA SER A 792 27.29 -0.65 -8.02
C SER A 792 26.91 -1.33 -6.69
N ASP A 793 26.85 -0.58 -5.57
CA ASP A 793 26.49 -1.21 -4.29
C ASP A 793 24.97 -1.30 -4.05
N ASN A 794 24.15 -0.70 -4.92
CA ASN A 794 22.71 -0.83 -4.72
C ASN A 794 22.00 -1.51 -5.88
N ILE A 795 22.78 -2.23 -6.71
CA ILE A 795 22.30 -3.04 -7.83
C ILE A 795 22.88 -4.43 -7.55
N MET A 796 22.02 -5.44 -7.63
CA MET A 796 22.35 -6.82 -7.35
C MET A 796 22.09 -7.71 -8.55
N ILE A 797 22.69 -8.90 -8.53
CA ILE A 797 22.51 -9.88 -9.58
C ILE A 797 22.35 -11.23 -8.94
N ARG A 798 21.38 -11.96 -9.42
CA ARG A 798 21.11 -13.32 -8.98
C ARG A 798 22.02 -14.24 -9.81
N GLU A 799 22.26 -15.46 -9.32
CA GLU A 799 23.07 -16.44 -10.07
C GLU A 799 22.42 -16.83 -11.41
N SER A 800 21.09 -16.71 -11.47
CA SER A 800 20.24 -16.93 -12.66
C SER A 800 20.57 -15.91 -13.78
N GLY A 801 21.16 -14.78 -13.40
CA GLY A 801 21.48 -13.69 -14.33
C GLY A 801 20.61 -12.45 -14.14
N GLN A 802 19.54 -12.59 -13.36
CA GLN A 802 18.58 -11.52 -13.12
C GLN A 802 19.19 -10.38 -12.32
N LEU A 803 19.02 -9.16 -12.82
CA LEU A 803 19.51 -7.95 -12.15
C LEU A 803 18.34 -7.33 -11.40
N PHE A 804 18.58 -6.73 -10.23
CA PHE A 804 17.52 -6.05 -9.50
C PHE A 804 18.12 -4.92 -8.68
N HIS A 805 17.27 -4.04 -8.15
CA HIS A 805 17.71 -2.89 -7.36
C HIS A 805 17.36 -2.97 -5.91
N ILE A 806 18.20 -2.35 -5.08
CA ILE A 806 17.94 -2.33 -3.65
C ILE A 806 18.09 -0.91 -3.15
N ASP A 807 17.66 -0.69 -1.91
CA ASP A 807 17.86 0.57 -1.19
C ASP A 807 17.34 1.78 -1.94
N PHE A 808 16.01 1.86 -2.09
CA PHE A 808 15.30 2.92 -2.81
C PHE A 808 15.09 4.16 -1.91
N GLY A 809 16.18 4.80 -1.56
CA GLY A 809 16.16 6.00 -0.74
C GLY A 809 15.54 7.22 -1.39
N HIS A 810 15.68 7.36 -2.73
CA HIS A 810 15.17 8.53 -3.45
C HIS A 810 14.45 8.17 -4.74
N PHE A 811 13.38 8.93 -5.05
CA PHE A 811 12.62 8.73 -6.28
C PHE A 811 12.00 10.04 -6.76
N LEU A 812 11.26 9.98 -7.89
CA LEU A 812 10.60 11.11 -8.51
C LEU A 812 11.55 12.29 -8.72
N GLY A 813 12.78 11.98 -9.11
CA GLY A 813 13.82 12.96 -9.39
C GLY A 813 14.46 13.63 -8.21
N ASN A 814 13.91 13.43 -6.99
CA ASN A 814 14.36 14.00 -5.73
C ASN A 814 15.54 13.22 -5.17
N ARG A 823 15.21 18.70 -6.20
CA ARG A 823 14.44 18.26 -7.36
C ARG A 823 15.18 18.49 -8.67
N GLU A 824 15.47 17.39 -9.40
CA GLU A 824 16.16 17.41 -10.70
C GLU A 824 15.63 16.29 -11.61
N ARG A 825 15.45 16.56 -12.91
CA ARG A 825 14.97 15.55 -13.84
C ARG A 825 16.03 14.45 -14.05
N VAL A 826 15.75 13.25 -13.49
CA VAL A 826 16.64 12.08 -13.57
C VAL A 826 16.63 11.53 -15.01
N PRO A 827 17.79 11.53 -15.71
CA PRO A 827 17.78 11.01 -17.09
C PRO A 827 17.75 9.48 -17.12
N PHE A 828 17.45 8.92 -18.31
CA PHE A 828 17.47 7.47 -18.51
C PHE A 828 18.95 7.01 -18.31
N ILE A 829 19.16 5.86 -17.64
CA ILE A 829 20.53 5.39 -17.37
C ILE A 829 20.86 4.09 -18.10
N LEU A 830 22.00 4.11 -18.81
CA LEU A 830 22.61 3.00 -19.50
C LEU A 830 24.09 2.96 -19.05
N THR A 831 24.52 1.84 -18.43
CA THR A 831 25.88 1.64 -17.93
C THR A 831 26.63 0.69 -18.86
N TYR A 832 27.92 0.98 -19.17
CA TYR A 832 28.67 0.16 -20.11
C TYR A 832 29.06 -1.26 -19.64
N ASP A 833 29.17 -1.50 -18.31
CA ASP A 833 29.46 -2.86 -17.79
C ASP A 833 28.28 -3.84 -18.13
N PHE A 834 27.09 -3.29 -18.14
CA PHE A 834 25.86 -4.04 -18.38
C PHE A 834 25.65 -4.27 -19.90
N VAL A 835 26.03 -3.29 -20.74
CA VAL A 835 25.96 -3.34 -22.21
C VAL A 835 26.87 -4.46 -22.68
N HIS A 836 28.04 -4.57 -22.06
CA HIS A 836 29.02 -5.62 -22.31
C HIS A 836 28.41 -7.02 -22.13
N VAL A 837 27.67 -7.28 -21.03
CA VAL A 837 26.99 -8.58 -20.80
C VAL A 837 25.87 -8.80 -21.88
N ILE A 838 25.02 -7.78 -22.09
CA ILE A 838 23.91 -7.82 -23.09
C ILE A 838 24.47 -8.23 -24.46
N GLN A 839 25.62 -7.64 -24.85
CA GLN A 839 26.32 -7.91 -26.12
C GLN A 839 27.15 -9.21 -26.12
N GLN A 840 26.95 -10.09 -25.10
CA GLN A 840 27.61 -11.39 -24.93
C GLN A 840 29.16 -11.29 -24.90
N GLY A 841 29.67 -10.14 -24.45
CA GLY A 841 31.10 -9.87 -24.31
C GLY A 841 31.76 -9.36 -25.57
N LYS A 842 30.96 -9.12 -26.63
CA LYS A 842 31.46 -8.63 -27.92
C LYS A 842 31.39 -7.10 -27.91
N THR A 843 32.38 -6.46 -28.57
CA THR A 843 32.49 -5.00 -28.66
C THR A 843 31.33 -4.42 -29.46
N ASN A 844 30.98 -5.11 -30.54
CA ASN A 844 29.92 -4.70 -31.44
C ASN A 844 28.95 -5.85 -31.56
N ASN A 845 27.70 -5.61 -31.18
CA ASN A 845 26.68 -6.64 -31.25
C ASN A 845 25.34 -5.93 -31.30
N SER A 846 25.08 -5.18 -32.38
CA SER A 846 23.86 -4.41 -32.54
C SER A 846 22.61 -5.29 -32.47
N GLU A 847 22.70 -6.57 -32.90
CA GLU A 847 21.58 -7.52 -32.84
C GLU A 847 21.08 -7.67 -31.40
N LYS A 848 22.00 -7.90 -30.46
CA LYS A 848 21.62 -8.06 -29.05
C LYS A 848 21.29 -6.74 -28.39
N PHE A 849 22.08 -5.68 -28.70
CA PHE A 849 21.83 -4.37 -28.09
C PHE A 849 20.45 -3.80 -28.48
N GLU A 850 20.11 -3.87 -29.76
CA GLU A 850 18.84 -3.33 -30.24
C GLU A 850 17.63 -4.16 -29.79
N ARG A 851 17.87 -5.46 -29.51
CA ARG A 851 16.83 -6.35 -28.96
C ARG A 851 16.51 -5.87 -27.56
N PHE A 852 17.56 -5.48 -26.85
CA PHE A 852 17.44 -4.91 -25.51
C PHE A 852 16.67 -3.59 -25.57
N ARG A 853 16.99 -2.68 -26.53
CA ARG A 853 16.26 -1.42 -26.74
C ARG A 853 14.75 -1.73 -27.02
N GLY A 854 14.48 -2.76 -27.83
CA GLY A 854 13.11 -3.20 -28.12
C GLY A 854 12.34 -3.55 -26.86
N TYR A 855 12.95 -4.33 -25.97
CA TYR A 855 12.35 -4.70 -24.67
C TYR A 855 12.03 -3.47 -23.85
N CYS A 856 12.98 -2.51 -23.81
CA CYS A 856 12.81 -1.22 -23.09
C CYS A 856 11.60 -0.47 -23.66
N GLU A 857 11.55 -0.32 -24.99
CA GLU A 857 10.44 0.38 -25.64
C GLU A 857 9.09 -0.28 -25.39
N ARG A 858 9.01 -1.63 -25.55
CA ARG A 858 7.77 -2.37 -25.29
C ARG A 858 7.30 -2.18 -23.84
N ALA A 859 8.22 -2.33 -22.85
CA ALA A 859 7.95 -2.15 -21.42
C ALA A 859 7.44 -0.76 -21.16
N TYR A 860 8.10 0.24 -21.75
CA TYR A 860 7.69 1.64 -21.54
C TYR A 860 6.29 1.94 -22.11
N THR A 861 6.02 1.46 -23.34
CA THR A 861 4.72 1.72 -23.98
C THR A 861 3.60 1.03 -23.21
N ILE A 862 3.85 -0.17 -22.63
CA ILE A 862 2.84 -0.85 -21.79
C ILE A 862 2.51 0.04 -20.57
N LEU A 863 3.54 0.51 -19.83
CA LEU A 863 3.31 1.36 -18.65
C LEU A 863 2.49 2.61 -18.99
N ARG A 864 2.85 3.30 -20.10
CA ARG A 864 2.15 4.51 -20.57
C ARG A 864 0.64 4.32 -20.72
N ARG A 865 0.23 3.14 -21.24
CA ARG A 865 -1.16 2.77 -21.47
C ARG A 865 -1.92 2.62 -20.15
N HIS A 866 -1.19 2.44 -19.02
CA HIS A 866 -1.76 2.37 -17.68
C HIS A 866 -1.30 3.56 -16.88
N GLY A 867 -0.93 4.64 -17.58
CA GLY A 867 -0.42 5.87 -16.97
C GLY A 867 -1.33 6.42 -15.90
N LEU A 868 -2.64 6.45 -16.21
CA LEU A 868 -3.64 6.95 -15.26
C LEU A 868 -3.67 6.16 -13.96
N LEU A 869 -3.52 4.82 -14.01
CA LEU A 869 -3.50 4.00 -12.79
C LEU A 869 -2.34 4.44 -11.89
N PHE A 870 -1.14 4.59 -12.45
CA PHE A 870 0.03 5.06 -11.68
C PHE A 870 -0.27 6.43 -11.12
N LEU A 871 -0.81 7.35 -11.95
CA LEU A 871 -1.13 8.69 -11.43
C LEU A 871 -2.15 8.65 -10.29
N HIS A 872 -3.26 7.88 -10.41
CA HIS A 872 -4.31 7.81 -9.37
C HIS A 872 -3.74 7.22 -8.07
N LEU A 873 -2.87 6.20 -8.19
CA LEU A 873 -2.26 5.55 -7.00
C LEU A 873 -1.29 6.48 -6.29
N PHE A 874 -0.40 7.15 -7.04
CA PHE A 874 0.54 8.13 -6.47
C PHE A 874 -0.24 9.31 -5.85
N ALA A 875 -1.39 9.70 -6.45
CA ALA A 875 -2.22 10.80 -5.90
C ALA A 875 -2.72 10.38 -4.50
N LEU A 876 -3.20 9.13 -4.36
CA LEU A 876 -3.68 8.66 -3.06
C LEU A 876 -2.54 8.59 -2.03
N MET A 877 -1.31 8.30 -2.50
CA MET A 877 -0.11 8.16 -1.66
C MET A 877 0.34 9.48 -1.09
N ARG A 878 -0.14 10.61 -1.63
CA ARG A 878 0.19 11.92 -1.05
C ARG A 878 -0.21 11.96 0.44
N ALA A 879 -1.26 11.20 0.83
CA ALA A 879 -1.75 11.09 2.22
C ALA A 879 -0.71 10.49 3.18
N ALA A 880 0.26 9.72 2.64
CA ALA A 880 1.29 9.08 3.46
C ALA A 880 2.22 10.08 4.14
N GLY A 881 2.39 11.27 3.54
CA GLY A 881 3.26 12.29 4.10
C GLY A 881 4.74 12.02 3.89
N LEU A 882 5.10 11.24 2.83
CA LEU A 882 6.52 10.97 2.49
C LEU A 882 7.14 12.29 2.01
N PRO A 883 8.35 12.69 2.45
CA PRO A 883 8.91 13.99 2.03
C PRO A 883 9.04 14.17 0.52
N GLU A 884 9.37 13.08 -0.23
CA GLU A 884 9.56 13.10 -1.69
C GLU A 884 8.23 12.90 -2.49
N LEU A 885 7.09 12.90 -1.78
CA LEU A 885 5.76 12.81 -2.39
C LEU A 885 4.83 13.67 -1.51
N SER A 886 5.06 14.98 -1.52
CA SER A 886 4.31 15.92 -0.66
C SER A 886 3.59 17.04 -1.41
N CYS A 887 3.76 17.15 -2.75
CA CYS A 887 3.11 18.20 -3.55
C CYS A 887 2.80 17.76 -5.01
N SER A 888 2.37 18.73 -5.85
CA SER A 888 2.03 18.56 -7.27
C SER A 888 3.28 18.37 -8.14
N LYS A 889 4.40 19.00 -7.75
CA LYS A 889 5.70 18.92 -8.44
C LYS A 889 6.21 17.48 -8.50
N ASP A 890 6.07 16.74 -7.37
CA ASP A 890 6.49 15.34 -7.24
C ASP A 890 5.75 14.45 -8.23
N ILE A 891 4.43 14.63 -8.37
CA ILE A 891 3.59 13.88 -9.31
C ILE A 891 3.83 14.34 -10.76
N GLN A 892 4.29 15.60 -10.96
CA GLN A 892 4.59 16.13 -12.30
C GLN A 892 5.71 15.30 -12.90
N TYR A 893 6.61 14.85 -12.04
CA TYR A 893 7.71 13.99 -12.45
C TYR A 893 7.17 12.75 -13.20
N LEU A 894 6.18 12.06 -12.61
CA LEU A 894 5.54 10.87 -13.18
C LEU A 894 4.76 11.21 -14.46
N LYS A 895 4.10 12.38 -14.49
CA LYS A 895 3.39 12.85 -15.69
C LYS A 895 4.37 13.03 -16.84
N ASP A 896 5.58 13.53 -16.56
CA ASP A 896 6.60 13.78 -17.58
C ASP A 896 7.22 12.51 -18.09
N SER A 897 7.63 11.60 -17.15
CA SER A 897 8.26 10.33 -17.47
C SER A 897 7.31 9.45 -18.29
N LEU A 898 6.01 9.50 -18.05
CA LEU A 898 5.03 8.73 -18.81
C LEU A 898 4.57 9.54 -20.04
N ALA A 899 4.93 10.84 -20.11
CA ALA A 899 4.58 11.77 -21.21
C ALA A 899 3.12 11.57 -21.65
N LEU A 900 2.21 11.61 -20.67
CA LEU A 900 0.79 11.31 -20.89
C LEU A 900 0.04 12.37 -21.69
N GLY A 901 0.51 13.62 -21.63
CA GLY A 901 -0.09 14.70 -22.42
C GLY A 901 0.25 14.66 -23.89
N LYS A 902 0.93 13.57 -24.34
CA LYS A 902 1.38 13.36 -25.71
C LYS A 902 0.77 12.12 -26.36
N THR A 903 0.99 11.96 -27.66
CA THR A 903 0.51 10.79 -28.40
C THR A 903 1.53 9.65 -28.19
N GLU A 904 1.17 8.39 -28.50
CA GLU A 904 2.13 7.29 -28.33
C GLU A 904 3.36 7.47 -29.23
N GLU A 905 3.13 7.90 -30.50
CA GLU A 905 4.23 8.14 -31.42
C GLU A 905 5.17 9.24 -30.91
N GLU A 906 4.61 10.35 -30.36
CA GLU A 906 5.37 11.47 -29.78
C GLU A 906 6.13 11.02 -28.54
N ALA A 907 5.47 10.26 -27.63
CA ALA A 907 6.11 9.75 -26.40
C ALA A 907 7.22 8.74 -26.71
N LEU A 908 7.01 7.90 -27.76
CA LEU A 908 8.04 6.94 -28.16
C LEU A 908 9.24 7.66 -28.78
N LYS A 909 8.97 8.76 -29.52
CA LYS A 909 9.99 9.62 -30.12
C LYS A 909 10.83 10.24 -28.99
N HIS A 910 10.14 10.77 -27.94
CA HIS A 910 10.75 11.39 -26.78
C HIS A 910 11.60 10.39 -25.99
N PHE A 911 11.06 9.19 -25.72
CA PHE A 911 11.77 8.13 -24.98
C PHE A 911 13.05 7.72 -25.75
N ARG A 912 12.93 7.53 -27.09
CA ARG A 912 14.05 7.21 -27.98
C ARG A 912 15.16 8.27 -27.90
N VAL A 913 14.78 9.57 -27.74
CA VAL A 913 15.71 10.69 -27.59
C VAL A 913 16.46 10.57 -26.24
N LYS A 914 15.73 10.28 -25.16
CA LYS A 914 16.30 10.11 -23.81
C LYS A 914 17.15 8.83 -23.70
N PHE A 915 16.80 7.78 -24.50
CA PHE A 915 17.50 6.49 -24.53
C PHE A 915 18.83 6.69 -25.28
N ASN A 916 18.79 7.38 -26.44
CA ASN A 916 19.98 7.67 -27.24
C ASN A 916 20.93 8.61 -26.51
N GLU A 917 20.37 9.57 -25.73
CA GLU A 917 21.15 10.48 -24.88
C GLU A 917 21.89 9.68 -23.80
N ALA A 918 21.24 8.65 -23.26
CA ALA A 918 21.81 7.75 -22.25
C ALA A 918 22.91 6.86 -22.83
N LEU A 919 22.76 6.44 -24.10
CA LEU A 919 23.73 5.58 -24.79
C LEU A 919 25.04 6.36 -25.03
N ARG A 920 24.94 7.63 -25.47
CA ARG A 920 26.05 8.56 -25.71
C ARG A 920 26.80 8.90 -24.41
N GLU A 921 26.08 8.90 -23.25
CA GLU A 921 26.66 9.11 -21.93
C GLU A 921 27.44 7.85 -21.52
N SER A 922 26.89 6.66 -21.85
CA SER A 922 27.48 5.35 -21.61
C SER A 922 28.76 5.16 -22.48
N TRP A 923 28.73 5.72 -23.72
CA TRP A 923 29.82 5.65 -24.69
C TRP A 923 31.06 6.48 -24.30
N LYS A 924 30.91 7.39 -23.32
CA LYS A 924 32.01 8.21 -22.77
C LYS A 924 32.89 7.34 -21.85
N THR A 925 32.39 6.12 -21.51
CA THR A 925 33.05 5.12 -20.68
C THR A 925 33.51 3.97 -21.58
#